data_4I06
#
_entry.id   4I06
#
_cell.length_a   127.805
_cell.length_b   127.805
_cell.length_c   159.094
_cell.angle_alpha   90.00
_cell.angle_beta   90.00
_cell.angle_gamma   90.00
#
_symmetry.space_group_name_H-M   'P 42 21 2'
#
loop_
_entity.id
_entity.type
_entity.pdbx_description
1 polymer 'Arginase-2, mitochondrial'
2 non-polymer 'MANGANESE (II) ION'
3 non-polymer BENZAMIDINE
4 non-polymer BETA-MERCAPTOETHANOL
5 non-polymer [(5R)-5-carboxy-5-(methylamino)-7-(piperidin-1-yl)heptyl](trihydroxy)borate(1-)
6 water water
#
_entity_poly.entity_id   1
_entity_poly.type   'polypeptide(L)'
_entity_poly.pdbx_seq_one_letter_code
;HSVAVIGAPFSQGQKRKGVEHGPAAIREAGLMKRLSSLGCHLKDFGDLSFTPVPKDDLYNNLIVNPRSVGLANQELAEVV
SRAVSDGYSCVTLGGDHSLAIGTISGHARHCPDLCVVWVDAHADINTPLTTSSGNLHGQPVSFLLRELQDKVPQLPGFSW
IKPCISSASIVYIGLRDVDPPEHFILKNYDIQYFSMRDIDRLGIQKVMERTFDLLIGKRQRPIHLSFDIDAFDPTLAPAT
GTPVVGGLTYREGMYIAEEIHNTGLLSALDLVEVNPQLATSEEEAKTTANLAVDVIASSFGQTREG
;
_entity_poly.pdbx_strand_id   A,B,C
#
# COMPACT_ATOMS: atom_id res chain seq x y z
N HIS A 1 34.22 -9.08 -2.04
CA HIS A 1 33.51 -8.33 -1.01
C HIS A 1 33.23 -9.26 0.18
N SER A 2 33.54 -8.76 1.38
CA SER A 2 33.50 -9.59 2.57
C SER A 2 32.53 -9.01 3.59
N VAL A 3 31.72 -9.88 4.18
CA VAL A 3 30.73 -9.45 5.16
C VAL A 3 30.94 -10.21 6.45
N ALA A 4 31.01 -9.50 7.57
CA ALA A 4 31.04 -10.13 8.89
C ALA A 4 29.63 -10.12 9.47
N VAL A 5 29.24 -11.21 10.10
CA VAL A 5 27.94 -11.25 10.77
C VAL A 5 28.14 -11.44 12.26
N ILE A 6 27.59 -10.53 13.05
CA ILE A 6 27.66 -10.63 14.49
C ILE A 6 26.27 -10.67 15.09
N GLY A 7 25.98 -11.71 15.88
CA GLY A 7 24.74 -11.72 16.63
C GLY A 7 24.91 -11.00 17.95
N ALA A 8 24.02 -10.03 18.23
CA ALA A 8 24.09 -9.27 19.48
C ALA A 8 22.75 -9.42 20.21
N PRO A 9 22.59 -10.51 20.95
CA PRO A 9 21.30 -10.80 21.58
C PRO A 9 21.06 -9.91 22.81
N PHE A 10 21.00 -8.60 22.58
CA PHE A 10 20.80 -7.43 23.43
CA PHE A 10 20.83 -7.74 23.75
C PHE A 10 19.38 -7.31 23.90
N SER A 11 18.95 -7.42 25.19
CA SER A 11 17.55 -7.10 25.51
C SER A 11 17.46 -6.02 26.59
N GLN A 12 18.57 -5.66 27.21
CA GLN A 12 18.49 -4.80 28.39
CA GLN A 12 18.50 -4.80 28.38
C GLN A 12 18.38 -3.30 28.08
N GLY A 13 18.30 -2.96 26.79
CA GLY A 13 17.99 -1.58 26.40
C GLY A 13 16.50 -1.29 26.50
N GLN A 14 15.72 -2.31 26.88
CA GLN A 14 14.27 -2.14 27.00
C GLN A 14 13.70 -3.18 27.96
N LYS A 15 12.37 -3.27 28.05
CA LYS A 15 11.77 -4.08 29.13
C LYS A 15 11.07 -5.35 28.68
N ARG A 16 10.88 -5.52 27.36
CA ARG A 16 10.13 -6.67 26.87
C ARG A 16 11.03 -7.87 26.59
N LYS A 17 10.63 -9.03 27.08
CA LYS A 17 11.43 -10.23 26.87
C LYS A 17 11.27 -10.72 25.44
N GLY A 18 12.36 -11.24 24.89
CA GLY A 18 12.31 -11.98 23.65
C GLY A 18 13.20 -11.44 22.54
N VAL A 19 13.58 -10.17 22.63
CA VAL A 19 14.31 -9.54 21.52
C VAL A 19 15.72 -10.13 21.43
N GLU A 20 16.15 -10.78 22.51
CA GLU A 20 17.44 -11.45 22.48
C GLU A 20 17.43 -12.63 21.52
N HIS A 21 16.23 -13.04 21.08
CA HIS A 21 16.10 -14.15 20.15
C HIS A 21 16.04 -13.72 18.70
N GLY A 22 16.12 -12.40 18.47
CA GLY A 22 16.18 -11.86 17.12
C GLY A 22 17.28 -12.45 16.24
N PRO A 23 18.52 -12.52 16.76
CA PRO A 23 19.59 -13.03 15.88
C PRO A 23 19.33 -14.45 15.42
N ALA A 24 18.94 -15.34 16.32
CA ALA A 24 18.65 -16.72 15.92
C ALA A 24 17.51 -16.76 14.89
N ALA A 25 16.49 -15.95 15.10
CA ALA A 25 15.34 -15.91 14.19
C ALA A 25 15.76 -15.48 12.77
N ILE A 26 16.59 -14.46 12.69
CA ILE A 26 17.06 -13.96 11.39
C ILE A 26 17.93 -14.99 10.69
N ARG A 27 18.80 -15.65 11.45
CA ARG A 27 19.63 -16.72 10.90
C ARG A 27 18.80 -17.88 10.38
N GLU A 28 17.80 -18.27 11.16
CA GLU A 28 16.91 -19.39 10.82
CA GLU A 28 16.97 -19.41 10.77
C GLU A 28 16.16 -19.07 9.52
N ALA A 29 15.96 -17.78 9.26
CA ALA A 29 15.27 -17.33 8.05
C ALA A 29 16.17 -17.36 6.82
N GLY A 30 17.41 -17.83 6.99
CA GLY A 30 18.27 -18.09 5.85
C GLY A 30 19.26 -17.00 5.47
N LEU A 31 19.62 -16.14 6.42
CA LEU A 31 20.49 -14.98 6.12
C LEU A 31 21.80 -15.35 5.44
N MET A 32 22.51 -16.32 6.01
CA MET A 32 23.85 -16.62 5.53
C MET A 32 23.85 -17.14 4.08
N LYS A 33 22.95 -18.06 3.74
CA LYS A 33 22.85 -18.54 2.37
C LYS A 33 22.52 -17.41 1.40
N ARG A 34 21.66 -16.50 1.83
CA ARG A 34 21.26 -15.39 0.98
C ARG A 34 22.43 -14.47 0.64
N LEU A 35 23.24 -14.16 1.64
CA LEU A 35 24.44 -13.35 1.43
C LEU A 35 25.49 -14.08 0.58
N SER A 36 25.69 -15.36 0.83
CA SER A 36 26.64 -16.14 0.06
CA SER A 36 26.62 -16.16 0.06
C SER A 36 26.26 -16.12 -1.42
N SER A 37 24.99 -16.34 -1.71
CA SER A 37 24.53 -16.40 -3.10
CA SER A 37 24.47 -16.37 -3.08
C SER A 37 24.74 -15.07 -3.82
N LEU A 38 24.82 -13.98 -3.07
CA LEU A 38 25.09 -12.69 -3.69
C LEU A 38 26.56 -12.52 -4.00
N GLY A 39 27.39 -13.43 -3.49
CA GLY A 39 28.82 -13.35 -3.74
C GLY A 39 29.60 -12.79 -2.56
N CYS A 40 28.95 -12.64 -1.42
CA CYS A 40 29.63 -12.18 -0.22
C CYS A 40 30.47 -13.29 0.42
N HIS A 41 31.76 -13.02 0.64
CA HIS A 41 32.57 -13.87 1.49
C HIS A 41 32.19 -13.55 2.94
N LEU A 42 31.94 -14.59 3.74
CA LEU A 42 31.37 -14.42 5.07
C LEU A 42 32.30 -14.81 6.20
N LYS A 43 32.30 -14.01 7.26
CA LYS A 43 32.86 -14.42 8.53
C LYS A 43 31.76 -14.31 9.57
N ASP A 44 31.37 -15.44 10.14
CA ASP A 44 30.33 -15.44 11.16
C ASP A 44 31.00 -15.42 12.52
N PHE A 45 30.71 -14.39 13.31
CA PHE A 45 31.27 -14.27 14.66
C PHE A 45 30.38 -14.99 15.68
N GLY A 46 29.28 -15.57 15.20
CA GLY A 46 28.30 -16.19 16.09
C GLY A 46 27.51 -15.15 16.87
N ASP A 47 26.77 -15.62 17.88
CA ASP A 47 26.09 -14.73 18.81
C ASP A 47 26.97 -14.50 20.03
N LEU A 48 27.26 -13.24 20.34
CA LEU A 48 28.12 -12.89 21.46
C LEU A 48 27.45 -13.17 22.79
N SER A 49 28.26 -13.49 23.80
CA SER A 49 27.81 -13.53 25.19
C SER A 49 28.41 -12.33 25.89
N PHE A 50 27.57 -11.45 26.41
CA PHE A 50 28.08 -10.21 27.02
C PHE A 50 28.29 -10.37 28.51
N THR A 51 29.30 -9.69 29.02
CA THR A 51 29.64 -9.81 30.43
C THR A 51 28.58 -9.14 31.28
N PRO A 52 28.02 -9.88 32.27
CA PRO A 52 27.03 -9.27 33.15
C PRO A 52 27.68 -8.32 34.16
N VAL A 53 26.89 -7.39 34.68
CA VAL A 53 27.36 -6.46 35.71
C VAL A 53 26.51 -6.63 36.96
N PRO A 54 27.16 -6.95 38.10
CA PRO A 54 26.40 -7.17 39.34
C PRO A 54 25.76 -5.88 39.86
N LYS A 55 24.56 -5.97 40.45
CA LYS A 55 23.94 -4.82 41.10
C LYS A 55 23.82 -3.62 40.15
N ASP A 56 23.36 -3.88 38.94
CA ASP A 56 23.27 -2.82 37.95
C ASP A 56 21.98 -2.04 38.21
N ASP A 57 21.98 -1.27 39.30
CA ASP A 57 20.81 -0.53 39.75
C ASP A 57 20.40 0.54 38.76
N LEU A 58 19.13 0.94 38.81
CA LEU A 58 18.65 2.06 37.99
C LEU A 58 19.54 3.28 38.16
N TYR A 59 19.73 4.02 37.08
CA TYR A 59 20.40 5.31 37.18
C TYR A 59 19.33 6.39 37.33
N ASN A 60 19.51 7.25 38.32
CA ASN A 60 18.56 8.27 38.61
C ASN A 60 17.11 7.73 38.80
N ASN A 61 17.02 6.58 39.40
CA ASN A 61 15.72 5.92 39.60
C ASN A 61 14.88 5.72 38.34
N LEU A 62 15.51 5.85 37.17
CA LEU A 62 14.74 5.71 35.93
C LEU A 62 15.39 4.91 34.81
N ILE A 63 16.67 5.18 34.56
CA ILE A 63 17.36 4.57 33.42
C ILE A 63 17.72 3.12 33.75
N VAL A 64 17.23 2.18 32.96
CA VAL A 64 17.37 0.79 33.35
C VAL A 64 18.61 0.13 32.75
N ASN A 65 19.24 -0.72 33.55
CA ASN A 65 20.41 -1.51 33.16
C ASN A 65 21.55 -0.70 32.53
N PRO A 66 21.91 0.46 33.12
CA PRO A 66 22.89 1.29 32.41
C PRO A 66 24.28 0.65 32.28
N ARG A 67 24.81 0.08 33.35
CA ARG A 67 26.13 -0.55 33.27
C ARG A 67 26.13 -1.76 32.34
N SER A 68 25.03 -2.51 32.34
CA SER A 68 24.94 -3.71 31.50
C SER A 68 24.91 -3.30 30.02
N VAL A 69 24.13 -2.27 29.71
CA VAL A 69 24.07 -1.74 28.34
C VAL A 69 25.41 -1.11 27.94
N GLY A 70 26.01 -0.37 28.87
CA GLY A 70 27.30 0.26 28.60
C GLY A 70 28.38 -0.76 28.32
N LEU A 71 28.47 -1.79 29.15
CA LEU A 71 29.52 -2.79 29.00
C LEU A 71 29.28 -3.68 27.79
N ALA A 72 28.03 -4.08 27.55
CA ALA A 72 27.75 -4.92 26.39
C ALA A 72 28.14 -4.17 25.13
N ASN A 73 27.83 -2.88 25.10
CA ASN A 73 28.20 -2.05 23.95
C ASN A 73 29.70 -1.85 23.80
N GLN A 74 30.40 -1.74 24.92
CA GLN A 74 31.86 -1.65 24.86
C GLN A 74 32.44 -2.92 24.27
N GLU A 75 31.92 -4.07 24.69
CA GLU A 75 32.39 -5.34 24.15
C GLU A 75 32.03 -5.50 22.68
N LEU A 76 30.82 -5.11 22.32
CA LEU A 76 30.38 -5.15 20.92
C LEU A 76 31.25 -4.25 20.03
N ALA A 77 31.54 -3.05 20.51
CA ALA A 77 32.37 -2.11 19.75
C ALA A 77 33.72 -2.71 19.41
N GLU A 78 34.30 -3.48 20.34
CA GLU A 78 35.59 -4.10 20.06
C GLU A 78 35.52 -5.11 18.92
N VAL A 79 34.45 -5.91 18.90
CA VAL A 79 34.28 -6.91 17.85
C VAL A 79 34.01 -6.24 16.51
N VAL A 80 33.14 -5.23 16.51
CA VAL A 80 32.83 -4.48 15.30
C VAL A 80 34.08 -3.78 14.74
N SER A 81 34.81 -3.10 15.62
CA SER A 81 36.03 -2.40 15.18
C SER A 81 37.04 -3.36 14.55
N ARG A 82 37.20 -4.52 15.16
CA ARG A 82 38.12 -5.53 14.63
C ARG A 82 37.66 -6.05 13.25
N ALA A 83 36.37 -6.30 13.11
CA ALA A 83 35.85 -6.79 11.84
C ALA A 83 36.04 -5.75 10.73
N VAL A 84 35.72 -4.50 11.04
CA VAL A 84 35.82 -3.46 10.03
C VAL A 84 37.27 -3.19 9.67
N SER A 85 38.14 -3.23 10.67
CA SER A 85 39.57 -3.06 10.42
C SER A 85 40.13 -4.18 9.54
N ASP A 86 39.52 -5.36 9.63
CA ASP A 86 39.94 -6.52 8.84
C ASP A 86 39.36 -6.51 7.43
N GLY A 87 38.57 -5.47 7.12
CA GLY A 87 38.06 -5.27 5.78
C GLY A 87 36.65 -5.76 5.53
N TYR A 88 35.95 -6.12 6.60
CA TYR A 88 34.56 -6.60 6.49
C TYR A 88 33.54 -5.48 6.58
N SER A 89 32.51 -5.54 5.73
CA SER A 89 31.29 -4.80 6.00
C SER A 89 30.63 -5.55 7.13
N CYS A 90 30.22 -4.84 8.18
CA CYS A 90 29.82 -5.50 9.41
C CYS A 90 28.32 -5.46 9.65
N VAL A 91 27.69 -6.65 9.59
CA VAL A 91 26.27 -6.77 9.87
C VAL A 91 26.06 -7.26 11.30
N THR A 92 25.34 -6.47 12.09
CA THR A 92 25.05 -6.84 13.46
C THR A 92 23.56 -7.09 13.58
N LEU A 93 23.21 -8.26 14.09
CA LEU A 93 21.81 -8.61 14.27
C LEU A 93 21.42 -8.39 15.71
N GLY A 94 20.36 -7.61 15.93
CA GLY A 94 19.81 -7.42 17.26
C GLY A 94 18.64 -8.35 17.59
N GLY A 95 18.15 -8.29 18.83
CA GLY A 95 18.68 -7.39 19.84
C GLY A 95 18.03 -6.03 19.76
N ASP A 96 17.95 -5.32 20.89
CA ASP A 96 17.34 -4.00 20.91
C ASP A 96 18.29 -2.93 20.38
N HIS A 97 17.73 -1.76 20.05
CA HIS A 97 18.50 -0.74 19.32
C HIS A 97 19.57 -0.04 20.16
N SER A 98 19.64 -0.31 21.47
CA SER A 98 20.73 0.28 22.25
C SER A 98 22.08 -0.22 21.74
N LEU A 99 22.08 -1.33 21.01
CA LEU A 99 23.33 -1.90 20.51
C LEU A 99 23.98 -1.03 19.45
N ALA A 100 23.21 -0.09 18.87
CA ALA A 100 23.82 0.83 17.89
C ALA A 100 24.86 1.73 18.56
N ILE A 101 24.80 1.89 19.87
CA ILE A 101 25.84 2.63 20.57
C ILE A 101 27.17 1.93 20.34
N GLY A 102 27.15 0.60 20.47
CA GLY A 102 28.35 -0.19 20.27
C GLY A 102 28.75 -0.38 18.82
N THR A 103 27.77 -0.60 17.94
CA THR A 103 28.15 -0.82 16.53
C THR A 103 28.66 0.46 15.88
N ILE A 104 28.02 1.59 16.18
CA ILE A 104 28.48 2.85 15.57
C ILE A 104 29.80 3.31 16.19
N SER A 105 29.96 3.13 17.50
CA SER A 105 31.25 3.43 18.13
C SER A 105 32.37 2.59 17.54
N GLY A 106 32.11 1.28 17.39
CA GLY A 106 33.10 0.37 16.88
C GLY A 106 33.43 0.64 15.43
N HIS A 107 32.40 0.97 14.65
CA HIS A 107 32.57 1.30 13.24
C HIS A 107 33.40 2.58 13.12
N ALA A 108 33.03 3.59 13.90
CA ALA A 108 33.73 4.89 13.85
C ALA A 108 35.18 4.76 14.30
N ARG A 109 35.44 3.77 15.13
CA ARG A 109 36.79 3.56 15.65
C ARG A 109 37.75 3.26 14.50
N HIS A 110 37.24 2.63 13.44
CA HIS A 110 38.07 2.42 12.24
C HIS A 110 37.78 3.44 11.14
N CYS A 111 36.55 3.94 11.10
CA CYS A 111 36.12 4.84 10.04
C CYS A 111 35.49 6.11 10.59
N PRO A 112 36.33 7.05 11.06
CA PRO A 112 35.79 8.19 11.79
C PRO A 112 34.92 9.14 10.95
N ASP A 113 35.04 9.08 9.63
CA ASP A 113 34.22 9.96 8.78
C ASP A 113 32.94 9.29 8.29
N LEU A 114 32.48 8.25 8.99
CA LEU A 114 31.25 7.58 8.61
C LEU A 114 30.03 8.52 8.69
N CYS A 115 28.97 8.16 7.97
CA CYS A 115 27.69 8.82 8.11
C CYS A 115 26.67 7.73 8.41
N VAL A 116 25.51 8.14 8.92
CA VAL A 116 24.52 7.19 9.40
C VAL A 116 23.19 7.44 8.72
N VAL A 117 22.61 6.36 8.20
CA VAL A 117 21.22 6.41 7.75
C VAL A 117 20.43 5.58 8.76
N TRP A 118 19.49 6.22 9.44
CA TRP A 118 18.79 5.61 10.57
C TRP A 118 17.34 5.41 10.13
N VAL A 119 16.96 4.15 9.90
CA VAL A 119 15.64 3.83 9.35
C VAL A 119 14.80 3.24 10.46
N ASP A 120 13.72 3.94 10.82
CA ASP A 120 13.08 3.69 12.12
C ASP A 120 11.78 4.46 12.19
N ALA A 121 10.79 3.92 12.91
CA ALA A 121 9.60 4.69 13.26
C ALA A 121 9.94 5.80 14.25
N HIS A 122 11.09 5.64 14.91
CA HIS A 122 11.47 6.49 16.04
C HIS A 122 12.82 7.13 15.80
N ALA A 123 13.05 8.28 16.43
CA ALA A 123 14.32 8.99 16.31
C ALA A 123 15.37 8.46 17.30
N ASP A 124 14.92 7.82 18.37
CA ASP A 124 15.86 7.19 19.32
C ASP A 124 16.88 8.20 19.84
N ILE A 125 16.42 9.42 20.10
CA ILE A 125 17.34 10.52 20.41
C ILE A 125 16.99 11.19 21.74
N ASN A 126 16.12 10.55 22.53
CA ASN A 126 15.95 11.00 23.90
C ASN A 126 17.29 10.93 24.62
N THR A 127 17.47 11.79 25.62
CA THR A 127 18.66 11.71 26.47
C THR A 127 18.21 11.14 27.82
N PRO A 128 19.18 10.83 28.71
CA PRO A 128 18.79 10.42 30.06
C PRO A 128 17.94 11.46 30.81
N LEU A 129 17.97 12.69 30.34
CA LEU A 129 17.17 13.76 30.96
C LEU A 129 15.82 13.97 30.31
N THR A 130 15.57 13.36 29.15
CA THR A 130 14.28 13.58 28.49
C THR A 130 13.44 12.31 28.34
N THR A 131 14.08 11.14 28.41
CA THR A 131 13.33 9.88 28.26
C THR A 131 12.20 9.79 29.29
N SER A 132 11.03 9.34 28.87
CA SER A 132 9.93 9.11 29.80
C SER A 132 9.80 7.64 30.14
N SER A 133 10.63 6.79 29.53
CA SER A 133 10.54 5.36 29.76
C SER A 133 11.73 4.82 30.53
N GLY A 134 12.89 5.47 30.36
CA GLY A 134 14.11 4.96 30.95
C GLY A 134 14.81 3.90 30.11
N ASN A 135 14.23 3.58 28.96
CA ASN A 135 14.76 2.49 28.14
C ASN A 135 15.85 2.99 27.19
N LEU A 136 17.05 2.44 27.34
CA LEU A 136 18.18 2.96 26.57
C LEU A 136 18.05 2.74 25.06
N HIS A 137 17.19 1.83 24.62
CA HIS A 137 17.01 1.66 23.17
C HIS A 137 16.33 2.86 22.50
N GLY A 138 15.80 3.77 23.31
CA GLY A 138 15.14 4.96 22.78
C GLY A 138 16.02 6.18 22.93
N GLN A 139 17.26 5.95 23.35
CA GLN A 139 18.26 7.01 23.56
C GLN A 139 19.59 6.92 22.81
N PRO A 140 19.82 5.88 21.96
CA PRO A 140 21.22 5.67 21.60
C PRO A 140 21.86 6.83 20.82
N VAL A 141 21.07 7.54 20.02
CA VAL A 141 21.64 8.61 19.21
C VAL A 141 22.16 9.76 20.09
N SER A 142 21.58 9.95 21.28
CA SER A 142 22.01 11.06 22.12
C SER A 142 23.45 10.88 22.60
N PHE A 143 23.91 9.64 22.69
CA PHE A 143 25.26 9.37 23.19
C PHE A 143 26.30 9.50 22.09
N LEU A 144 25.85 9.58 20.84
CA LEU A 144 26.72 9.49 19.68
C LEU A 144 26.99 10.82 19.01
N LEU A 145 26.08 11.78 19.18
CA LEU A 145 26.18 13.03 18.42
C LEU A 145 26.99 14.05 19.20
N ARG A 146 28.03 14.60 18.57
CA ARG A 146 28.93 15.51 19.26
C ARG A 146 28.24 16.75 19.82
N GLU A 147 27.35 17.37 19.04
CA GLU A 147 26.73 18.61 19.44
C GLU A 147 25.79 18.50 20.66
N LEU A 148 25.38 17.29 20.99
CA LEU A 148 24.43 17.10 22.10
C LEU A 148 25.09 16.85 23.44
N GLN A 149 26.41 16.67 23.46
CA GLN A 149 27.12 16.18 24.64
CA GLN A 149 27.05 16.14 24.66
C GLN A 149 26.95 17.01 25.91
N ASP A 150 26.83 18.33 25.77
CA ASP A 150 26.70 19.16 26.98
C ASP A 150 25.32 19.01 27.65
N LYS A 151 24.41 18.29 26.99
CA LYS A 151 23.07 18.05 27.53
C LYS A 151 22.87 16.59 27.93
N VAL A 152 23.92 15.79 27.82
CA VAL A 152 23.82 14.37 28.14
C VAL A 152 24.70 14.04 29.33
N PRO A 153 24.09 13.63 30.46
CA PRO A 153 24.88 13.31 31.65
C PRO A 153 25.69 12.04 31.47
N GLN A 154 26.69 11.84 32.32
CA GLN A 154 27.54 10.66 32.29
C GLN A 154 26.89 9.50 33.04
N LEU A 155 26.55 8.44 32.31
CA LEU A 155 25.96 7.26 32.93
C LEU A 155 27.05 6.28 33.35
N PRO A 156 26.81 5.51 34.43
CA PRO A 156 27.79 4.49 34.80
C PRO A 156 27.92 3.45 33.70
N GLY A 157 29.15 3.08 33.35
CA GLY A 157 29.41 2.14 32.26
C GLY A 157 29.54 2.77 30.88
N PHE A 158 29.38 4.09 30.80
CA PHE A 158 29.35 4.82 29.53
C PHE A 158 30.59 5.68 29.27
N SER A 159 31.54 5.73 30.21
CA SER A 159 32.67 6.66 30.09
C SER A 159 33.56 6.42 28.87
N TRP A 160 33.55 5.20 28.35
CA TRP A 160 34.40 4.82 27.23
C TRP A 160 33.96 5.41 25.88
N ILE A 161 32.76 5.97 25.82
CA ILE A 161 32.23 6.49 24.55
C ILE A 161 32.92 7.79 24.11
N LYS A 162 33.29 7.86 22.82
CA LYS A 162 33.83 9.09 22.24
C LYS A 162 32.92 9.56 21.11
N PRO A 163 31.94 10.41 21.43
CA PRO A 163 30.94 10.83 20.44
C PRO A 163 31.46 11.93 19.54
N CYS A 164 31.98 11.59 18.37
CA CYS A 164 32.50 12.62 17.46
C CYS A 164 31.64 12.85 16.21
N ILE A 165 30.64 12.00 15.99
CA ILE A 165 29.78 12.15 14.82
C ILE A 165 28.91 13.42 14.89
N SER A 166 28.90 14.20 13.82
CA SER A 166 28.13 15.43 13.80
CA SER A 166 28.13 15.43 13.81
C SER A 166 26.65 15.18 13.56
N SER A 167 25.83 16.09 14.06
CA SER A 167 24.39 16.02 13.84
C SER A 167 24.08 16.15 12.34
N ALA A 168 25.03 16.68 11.57
CA ALA A 168 24.85 16.80 10.13
C ALA A 168 25.16 15.50 9.39
N SER A 169 25.61 14.49 10.13
CA SER A 169 26.05 13.25 9.50
C SER A 169 25.09 12.08 9.74
N ILE A 170 23.89 12.39 10.22
CA ILE A 170 22.85 11.38 10.34
C ILE A 170 21.58 11.87 9.65
N VAL A 171 20.92 10.96 8.93
CA VAL A 171 19.62 11.27 8.35
C VAL A 171 18.66 10.17 8.74
N TYR A 172 17.48 10.55 9.23
CA TYR A 172 16.44 9.59 9.57
C TYR A 172 15.47 9.37 8.43
N ILE A 173 14.99 8.13 8.28
CA ILE A 173 13.92 7.84 7.32
C ILE A 173 12.86 6.98 8.01
N GLY A 174 11.64 7.45 8.00
CA GLY A 174 10.56 6.63 8.49
C GLY A 174 9.77 7.11 9.69
N LEU A 175 10.19 8.24 10.19
CA LEU A 175 9.73 8.68 11.51
C LEU A 175 8.25 9.02 11.69
N ARG A 176 7.59 8.32 12.60
CA ARG A 176 6.21 8.62 12.89
C ARG A 176 5.79 8.54 14.36
N ASP A 177 6.75 8.33 15.25
CA ASP A 177 6.45 8.29 16.70
C ASP A 177 7.58 8.97 17.48
N VAL A 178 7.48 10.29 17.56
CA VAL A 178 8.56 11.13 18.05
C VAL A 178 8.11 11.85 19.31
N ASP A 179 8.85 11.70 20.41
CA ASP A 179 8.47 12.36 21.67
C ASP A 179 8.76 13.85 21.56
N PRO A 180 7.98 14.69 22.25
CA PRO A 180 8.19 16.15 22.14
C PRO A 180 9.63 16.62 22.42
N PRO A 181 10.31 16.08 23.45
CA PRO A 181 11.71 16.52 23.56
C PRO A 181 12.58 16.07 22.39
N GLU A 182 12.24 14.96 21.74
CA GLU A 182 13.00 14.54 20.57
C GLU A 182 12.78 15.49 19.41
N HIS A 183 11.53 15.95 19.24
CA HIS A 183 11.23 16.90 18.18
C HIS A 183 11.99 18.20 18.42
N PHE A 184 12.05 18.64 19.67
CA PHE A 184 12.82 19.83 20.00
C PHE A 184 14.28 19.65 19.59
N ILE A 185 14.84 18.48 19.91
CA ILE A 185 16.23 18.20 19.59
C ILE A 185 16.47 18.21 18.08
N LEU A 186 15.62 17.51 17.33
CA LEU A 186 15.77 17.45 15.88
C LEU A 186 15.75 18.85 15.25
N LYS A 187 14.83 19.68 15.74
CA LYS A 187 14.70 21.04 15.21
C LYS A 187 15.85 21.94 15.66
N ASN A 188 16.15 21.91 16.94
CA ASN A 188 17.19 22.76 17.53
C ASN A 188 18.59 22.48 17.00
N TYR A 189 18.87 21.22 16.67
CA TYR A 189 20.19 20.86 16.16
C TYR A 189 20.20 20.68 14.65
N ASP A 190 19.10 21.07 14.01
CA ASP A 190 18.98 21.03 12.55
C ASP A 190 19.31 19.64 12.01
N ILE A 191 18.80 18.61 12.68
CA ILE A 191 19.03 17.23 12.25
C ILE A 191 18.03 16.88 11.14
N GLN A 192 18.52 16.34 10.03
CA GLN A 192 17.65 16.10 8.88
C GLN A 192 16.89 14.78 8.99
N TYR A 193 15.60 14.82 8.70
CA TYR A 193 14.79 13.60 8.75
C TYR A 193 13.72 13.61 7.67
N PHE A 194 13.34 12.42 7.24
CA PHE A 194 12.21 12.27 6.34
C PHE A 194 11.18 11.40 7.06
N SER A 195 10.13 12.05 7.57
CA SER A 195 9.09 11.36 8.30
C SER A 195 8.21 10.60 7.31
N MET A 196 7.26 9.83 7.80
CA MET A 196 6.36 9.13 6.88
C MET A 196 5.61 10.13 6.00
N ARG A 197 5.31 11.30 6.58
CA ARG A 197 4.64 12.38 5.85
C ARG A 197 5.51 12.89 4.71
N ASP A 198 6.81 13.07 4.98
CA ASP A 198 7.73 13.44 3.91
C ASP A 198 7.77 12.37 2.81
N ILE A 199 7.71 11.11 3.20
CA ILE A 199 7.71 10.05 2.19
C ILE A 199 6.42 10.12 1.36
N ASP A 200 5.28 10.37 2.03
CA ASP A 200 3.99 10.50 1.35
C ASP A 200 4.04 11.60 0.30
N ARG A 201 4.76 12.67 0.60
CA ARG A 201 4.86 13.84 -0.27
C ARG A 201 5.88 13.64 -1.40
N LEU A 202 7.09 13.22 -1.03
CA LEU A 202 8.20 13.17 -1.97
C LEU A 202 8.27 11.87 -2.75
N GLY A 203 7.83 10.79 -2.13
CA GLY A 203 8.08 9.47 -2.69
C GLY A 203 9.46 9.00 -2.27
N ILE A 204 9.63 7.70 -2.13
CA ILE A 204 10.88 7.14 -1.62
C ILE A 204 12.09 7.39 -2.53
N GLN A 205 11.88 7.51 -3.84
CA GLN A 205 13.02 7.81 -4.73
C GLN A 205 13.66 9.14 -4.37
N LYS A 206 12.86 10.19 -4.26
CA LYS A 206 13.39 11.50 -3.91
C LYS A 206 13.93 11.56 -2.49
N VAL A 207 13.30 10.81 -1.59
CA VAL A 207 13.82 10.71 -0.22
C VAL A 207 15.26 10.18 -0.23
N MET A 208 15.50 9.13 -1.00
CA MET A 208 16.85 8.54 -1.04
C MET A 208 17.83 9.48 -1.73
N GLU A 209 17.40 10.13 -2.81
CA GLU A 209 18.25 11.11 -3.48
C GLU A 209 18.68 12.21 -2.52
N ARG A 210 17.73 12.74 -1.76
CA ARG A 210 18.02 13.85 -0.86
C ARG A 210 18.85 13.42 0.34
N THR A 211 18.59 12.22 0.84
CA THR A 211 19.39 11.64 1.91
C THR A 211 20.87 11.56 1.50
N PHE A 212 21.15 11.02 0.33
CA PHE A 212 22.53 10.89 -0.10
C PHE A 212 23.17 12.23 -0.42
N ASP A 213 22.41 13.17 -0.98
CA ASP A 213 22.95 14.50 -1.21
CA ASP A 213 22.92 14.52 -1.20
C ASP A 213 23.40 15.13 0.10
N LEU A 214 22.60 14.98 1.16
CA LEU A 214 22.97 15.50 2.48
C LEU A 214 24.23 14.86 3.05
N LEU A 215 24.38 13.55 2.86
CA LEU A 215 25.44 12.82 3.57
C LEU A 215 26.71 12.66 2.73
N ILE A 216 26.54 12.34 1.46
CA ILE A 216 27.68 12.06 0.58
C ILE A 216 27.67 12.90 -0.69
N GLY A 217 26.93 14.01 -0.64
CA GLY A 217 26.86 14.88 -1.80
C GLY A 217 28.16 15.64 -2.04
N LYS A 218 28.95 15.85 -1.00
CA LYS A 218 30.24 16.54 -1.13
C LYS A 218 31.46 15.62 -1.22
N ARG A 219 31.42 14.49 -0.52
CA ARG A 219 32.53 13.56 -0.52
C ARG A 219 32.03 12.16 -0.23
N GLN A 220 32.74 11.16 -0.74
CA GLN A 220 32.45 9.77 -0.41
C GLN A 220 32.76 9.50 1.05
N ARG A 221 31.85 8.80 1.72
CA ARG A 221 32.01 8.43 3.13
C ARG A 221 31.44 7.03 3.33
N PRO A 222 32.04 6.26 4.25
CA PRO A 222 31.45 4.96 4.55
C PRO A 222 30.07 5.16 5.19
N ILE A 223 29.13 4.29 4.85
CA ILE A 223 27.77 4.45 5.35
C ILE A 223 27.47 3.40 6.39
N HIS A 224 26.85 3.84 7.48
CA HIS A 224 26.33 2.95 8.51
C HIS A 224 24.83 2.96 8.41
N LEU A 225 24.22 1.83 8.07
CA LEU A 225 22.75 1.75 8.00
C LEU A 225 22.25 1.09 9.27
N SER A 226 21.56 1.85 10.11
CA SER A 226 20.98 1.28 11.33
C SER A 226 19.49 1.15 11.10
N PHE A 227 19.04 -0.08 10.93
CA PHE A 227 17.68 -0.35 10.48
C PHE A 227 16.89 -1.04 11.58
N ASP A 228 15.89 -0.34 12.11
CA ASP A 228 14.98 -0.87 13.11
C ASP A 228 13.83 -1.48 12.32
N ILE A 229 13.54 -2.75 12.55
CA ILE A 229 12.50 -3.43 11.79
C ILE A 229 11.13 -2.74 11.94
N ASP A 230 10.96 -2.00 13.04
CA ASP A 230 9.70 -1.28 13.24
C ASP A 230 9.48 -0.07 12.32
N ALA A 231 10.47 0.22 11.47
CA ALA A 231 10.25 1.19 10.41
C ALA A 231 9.13 0.71 9.48
N PHE A 232 9.04 -0.60 9.28
CA PHE A 232 7.99 -1.17 8.44
C PHE A 232 6.65 -1.10 9.13
N ASP A 233 5.58 -1.06 8.35
CA ASP A 233 4.23 -1.13 8.91
C ASP A 233 4.09 -2.41 9.72
N PRO A 234 3.38 -2.33 10.85
CA PRO A 234 3.19 -3.51 11.70
C PRO A 234 2.52 -4.69 11.00
N THR A 235 1.75 -4.45 9.94
CA THR A 235 1.20 -5.56 9.16
C THR A 235 2.30 -6.41 8.53
N LEU A 236 3.46 -5.80 8.30
CA LEU A 236 4.58 -6.49 7.68
C LEU A 236 5.61 -7.00 8.68
N ALA A 237 5.79 -6.24 9.76
CA ALA A 237 6.76 -6.61 10.79
C ALA A 237 6.09 -6.56 12.16
N PRO A 238 5.18 -7.50 12.42
CA PRO A 238 4.44 -7.44 13.68
C PRO A 238 5.29 -7.83 14.89
N ALA A 239 6.33 -8.62 14.69
CA ALA A 239 7.11 -9.17 15.80
C ALA A 239 8.16 -8.18 16.25
N THR A 240 7.73 -7.14 16.96
CA THR A 240 8.62 -6.07 17.38
C THR A 240 7.98 -5.35 18.56
N GLY A 241 8.80 -4.73 19.41
CA GLY A 241 8.33 -4.21 20.69
C GLY A 241 7.55 -2.91 20.69
N THR A 242 7.81 -2.02 19.74
CA THR A 242 7.11 -0.74 19.70
CA THR A 242 7.12 -0.74 19.69
C THR A 242 6.54 -0.50 18.31
N PRO A 243 5.55 -1.31 17.89
CA PRO A 243 4.97 -1.15 16.56
C PRO A 243 4.16 0.14 16.47
N VAL A 244 4.21 0.81 15.32
CA VAL A 244 3.45 2.03 15.09
C VAL A 244 2.78 1.95 13.72
N VAL A 245 1.46 2.12 13.68
CA VAL A 245 0.75 2.03 12.40
C VAL A 245 1.23 3.08 11.40
N GLY A 246 1.08 2.78 10.11
CA GLY A 246 1.37 3.73 9.07
C GLY A 246 2.83 3.76 8.63
N GLY A 247 3.48 2.60 8.56
CA GLY A 247 4.91 2.53 8.29
C GLY A 247 5.29 2.30 6.84
N LEU A 248 6.58 2.04 6.61
CA LEU A 248 7.08 1.74 5.26
C LEU A 248 6.35 0.54 4.69
N THR A 249 6.09 0.57 3.38
CA THR A 249 5.63 -0.63 2.69
C THR A 249 6.82 -1.53 2.42
N TYR A 250 6.56 -2.77 2.03
CA TYR A 250 7.64 -3.69 1.68
C TYR A 250 8.52 -3.10 0.57
N ARG A 251 7.87 -2.61 -0.48
CA ARG A 251 8.59 -2.04 -1.61
C ARG A 251 9.45 -0.84 -1.22
N GLU A 252 8.94 0.00 -0.33
CA GLU A 252 9.70 1.15 0.12
C GLU A 252 10.95 0.72 0.87
N GLY A 253 10.81 -0.30 1.73
CA GLY A 253 11.95 -0.82 2.47
C GLY A 253 13.00 -1.40 1.54
N MET A 254 12.57 -2.16 0.54
CA MET A 254 13.51 -2.72 -0.43
C MET A 254 14.20 -1.62 -1.20
N TYR A 255 13.46 -0.56 -1.53
CA TYR A 255 14.05 0.53 -2.30
C TYR A 255 15.14 1.25 -1.51
N ILE A 256 14.88 1.51 -0.24
CA ILE A 256 15.91 2.11 0.64
C ILE A 256 17.17 1.26 0.60
N ALA A 257 17.01 -0.04 0.82
CA ALA A 257 18.15 -0.95 0.86
C ALA A 257 18.88 -1.01 -0.48
N GLU A 258 18.13 -1.04 -1.58
CA GLU A 258 18.74 -1.01 -2.90
C GLU A 258 19.60 0.21 -3.13
N GLU A 259 19.09 1.37 -2.72
CA GLU A 259 19.82 2.62 -2.91
C GLU A 259 21.07 2.65 -2.01
N ILE A 260 20.95 2.10 -0.81
CA ILE A 260 22.13 1.90 0.04
C ILE A 260 23.17 1.06 -0.69
N HIS A 261 22.77 -0.09 -1.24
CA HIS A 261 23.72 -0.90 -1.99
C HIS A 261 24.30 -0.16 -3.17
N ASN A 262 23.46 0.57 -3.90
CA ASN A 262 23.91 1.26 -5.10
C ASN A 262 24.96 2.35 -4.86
N THR A 263 25.07 2.86 -3.64
CA THR A 263 26.14 3.83 -3.35
C THR A 263 27.53 3.21 -3.42
N GLY A 264 27.60 1.90 -3.22
CA GLY A 264 28.88 1.21 -3.11
C GLY A 264 29.63 1.52 -1.82
N LEU A 265 28.98 2.18 -0.87
CA LEU A 265 29.64 2.68 0.32
C LEU A 265 29.19 2.04 1.62
N LEU A 266 28.32 1.04 1.56
CA LEU A 266 27.85 0.44 2.81
C LEU A 266 29.00 -0.26 3.52
N SER A 267 29.19 0.11 4.79
CA SER A 267 30.34 -0.37 5.58
C SER A 267 29.88 -1.13 6.83
N ALA A 268 28.74 -0.77 7.39
CA ALA A 268 28.16 -1.56 8.47
C ALA A 268 26.65 -1.43 8.45
N LEU A 269 25.97 -2.45 8.98
CA LEU A 269 24.51 -2.45 8.99
C LEU A 269 24.04 -3.06 10.29
N ASP A 270 23.05 -2.43 10.95
CA ASP A 270 22.37 -3.05 12.08
C ASP A 270 20.96 -3.44 11.67
N LEU A 271 20.51 -4.63 12.07
CA LEU A 271 19.11 -5.00 11.88
C LEU A 271 18.61 -5.37 13.25
N VAL A 272 17.82 -4.46 13.85
CA VAL A 272 17.50 -4.55 15.26
C VAL A 272 16.01 -4.65 15.48
N GLU A 273 15.69 -5.07 16.71
CA GLU A 273 14.33 -5.04 17.27
C GLU A 273 13.38 -6.12 16.76
N VAL A 274 13.88 -7.13 16.07
CA VAL A 274 13.04 -8.30 15.79
C VAL A 274 12.86 -9.10 17.10
N ASN A 275 11.62 -9.19 17.58
CA ASN A 275 11.32 -9.96 18.79
C ASN A 275 10.30 -11.03 18.44
N PRO A 276 10.77 -12.27 18.21
CA PRO A 276 9.91 -13.36 17.77
C PRO A 276 8.84 -13.70 18.80
N GLN A 277 9.10 -13.40 20.08
CA GLN A 277 8.15 -13.74 21.15
C GLN A 277 6.90 -12.89 21.12
N LEU A 278 6.96 -11.75 20.42
CA LEU A 278 5.82 -10.84 20.39
C LEU A 278 4.88 -11.13 19.24
N ALA A 279 5.25 -12.08 18.39
CA ALA A 279 4.36 -12.56 17.35
C ALA A 279 3.20 -13.31 18.01
N THR A 280 2.01 -13.20 17.44
CA THR A 280 0.84 -13.93 17.94
C THR A 280 0.73 -15.30 17.30
N SER A 281 1.61 -15.57 16.34
CA SER A 281 1.65 -16.85 15.64
C SER A 281 3.05 -17.07 15.12
N GLU A 282 3.42 -18.32 14.85
CA GLU A 282 4.75 -18.59 14.31
C GLU A 282 4.89 -17.98 12.92
N GLU A 283 3.78 -17.85 12.23
CA GLU A 283 3.75 -17.18 10.94
C GLU A 283 4.16 -15.70 11.04
N GLU A 284 3.64 -14.99 12.04
CA GLU A 284 4.01 -13.59 12.25
C GLU A 284 5.49 -13.46 12.58
N ALA A 285 6.02 -14.42 13.32
CA ALA A 285 7.42 -14.40 13.71
C ALA A 285 8.29 -14.61 12.49
N LYS A 286 7.97 -15.65 11.73
CA LYS A 286 8.73 -15.96 10.52
C LYS A 286 8.67 -14.86 9.46
N THR A 287 7.51 -14.24 9.25
CA THR A 287 7.43 -13.20 8.23
CA THR A 287 7.44 -13.19 8.23
C THR A 287 8.29 -11.99 8.62
N THR A 288 8.38 -11.72 9.92
CA THR A 288 9.19 -10.59 10.40
C THR A 288 10.66 -10.91 10.17
N ALA A 289 11.06 -12.13 10.46
CA ALA A 289 12.45 -12.54 10.25
C ALA A 289 12.77 -12.61 8.76
N ASN A 290 11.82 -13.04 7.94
CA ASN A 290 12.04 -13.11 6.50
C ASN A 290 12.26 -11.70 5.95
N LEU A 291 11.51 -10.75 6.48
CA LEU A 291 11.62 -9.36 6.04
C LEU A 291 12.99 -8.81 6.40
N ALA A 292 13.48 -9.17 7.58
CA ALA A 292 14.80 -8.74 8.03
C ALA A 292 15.87 -9.25 7.07
N VAL A 293 15.77 -10.52 6.68
CA VAL A 293 16.70 -11.09 5.72
C VAL A 293 16.61 -10.33 4.38
N ASP A 294 15.40 -10.04 3.93
CA ASP A 294 15.25 -9.29 2.67
C ASP A 294 15.94 -7.92 2.72
N VAL A 295 15.82 -7.23 3.85
CA VAL A 295 16.47 -5.93 4.00
C VAL A 295 17.99 -6.06 3.91
N ILE A 296 18.54 -7.01 4.64
CA ILE A 296 19.99 -7.20 4.63
C ILE A 296 20.49 -7.61 3.24
N ALA A 297 19.79 -8.56 2.61
CA ALA A 297 20.20 -9.03 1.29
C ALA A 297 20.14 -7.92 0.25
N SER A 298 19.10 -7.10 0.32
CA SER A 298 18.95 -6.00 -0.63
CA SER A 298 18.96 -6.01 -0.64
C SER A 298 20.05 -4.95 -0.41
N SER A 299 20.41 -4.76 0.86
CA SER A 299 21.49 -3.82 1.19
C SER A 299 22.83 -4.26 0.62
N PHE A 300 22.97 -5.56 0.37
CA PHE A 300 24.21 -6.09 -0.19
C PHE A 300 24.07 -6.57 -1.62
N GLY A 301 23.00 -6.16 -2.29
CA GLY A 301 22.97 -6.30 -3.75
C GLY A 301 21.82 -7.09 -4.34
N GLN A 302 20.95 -7.65 -3.52
CA GLN A 302 19.84 -8.38 -4.09
C GLN A 302 18.94 -7.36 -4.78
N THR A 303 18.57 -7.64 -6.03
CA THR A 303 17.74 -6.75 -6.83
C THR A 303 16.42 -7.41 -7.15
N ARG A 304 15.46 -6.61 -7.58
CA ARG A 304 14.20 -7.18 -7.99
C ARG A 304 14.17 -7.47 -9.49
N GLU A 305 15.13 -6.95 -10.23
CA GLU A 305 15.14 -7.24 -11.66
C GLU A 305 16.11 -8.33 -12.06
N GLY A 306 16.77 -8.95 -11.09
CA GLY A 306 17.61 -10.09 -11.41
C GLY A 306 18.97 -9.65 -11.92
N HIS B 1 -19.62 -3.85 -29.63
CA HIS B 1 -18.38 -4.42 -29.11
C HIS B 1 -18.59 -5.86 -28.66
N SER B 2 -17.82 -6.76 -29.25
CA SER B 2 -18.01 -8.18 -29.02
C SER B 2 -16.78 -8.79 -28.35
N VAL B 3 -17.01 -9.63 -27.35
CA VAL B 3 -15.90 -10.25 -26.63
C VAL B 3 -16.10 -11.75 -26.64
N ALA B 4 -15.04 -12.49 -27.02
CA ALA B 4 -15.07 -13.93 -26.97
C ALA B 4 -14.40 -14.35 -25.67
N VAL B 5 -14.96 -15.36 -24.99
CA VAL B 5 -14.32 -15.89 -23.81
C VAL B 5 -13.99 -17.35 -24.05
N ILE B 6 -12.72 -17.70 -23.86
CA ILE B 6 -12.23 -19.05 -24.08
C ILE B 6 -11.63 -19.54 -22.79
N GLY B 7 -12.14 -20.65 -22.26
CA GLY B 7 -11.49 -21.29 -21.12
C GLY B 7 -10.39 -22.20 -21.62
N ALA B 8 -9.17 -22.02 -21.10
CA ALA B 8 -8.04 -22.85 -21.49
C ALA B 8 -7.44 -23.48 -20.25
N PRO B 9 -8.06 -24.58 -19.79
CA PRO B 9 -7.63 -25.20 -18.53
C PRO B 9 -6.30 -25.96 -18.68
N PHE B 10 -5.23 -25.18 -19.12
CA PHE B 10 -3.82 -25.63 -19.26
CA PHE B 10 -3.96 -25.86 -19.21
C PHE B 10 -3.19 -25.89 -17.91
N SER B 11 -2.55 -27.07 -17.62
CA SER B 11 -1.73 -27.21 -16.42
C SER B 11 -0.34 -27.77 -16.71
N GLN B 12 -0.11 -28.25 -17.93
CA GLN B 12 1.13 -28.99 -18.21
C GLN B 12 2.35 -28.11 -18.54
N GLY B 13 2.18 -26.80 -18.50
CA GLY B 13 3.29 -25.87 -18.59
C GLY B 13 4.02 -25.74 -17.27
N GLN B 14 3.52 -26.43 -16.25
CA GLN B 14 4.15 -26.39 -14.93
C GLN B 14 3.80 -27.65 -14.15
N LYS B 15 4.18 -27.70 -12.88
CA LYS B 15 4.10 -28.96 -12.13
C LYS B 15 3.07 -29.01 -10.99
N ARG B 16 2.45 -27.88 -10.65
CA ARG B 16 1.50 -27.85 -9.53
C ARG B 16 0.08 -28.13 -10.01
N LYS B 17 -0.61 -29.03 -9.32
CA LYS B 17 -1.98 -29.37 -9.71
C LYS B 17 -2.94 -28.24 -9.34
N GLY B 18 -3.95 -28.03 -10.18
CA GLY B 18 -5.06 -27.17 -9.82
C GLY B 18 -5.28 -25.96 -10.71
N VAL B 19 -4.24 -25.54 -11.42
CA VAL B 19 -4.37 -24.35 -12.26
C VAL B 19 -5.37 -24.59 -13.41
N GLU B 20 -5.63 -25.85 -13.72
CA GLU B 20 -6.63 -26.16 -14.75
C GLU B 20 -8.04 -25.75 -14.28
N HIS B 21 -8.21 -25.46 -13.00
CA HIS B 21 -9.52 -25.05 -12.47
C HIS B 21 -9.63 -23.53 -12.42
N GLY B 22 -8.61 -22.84 -12.91
CA GLY B 22 -8.65 -21.39 -13.01
C GLY B 22 -9.84 -20.83 -13.77
N PRO B 23 -10.11 -21.36 -14.97
CA PRO B 23 -11.21 -20.79 -15.76
C PRO B 23 -12.56 -20.89 -15.04
N ALA B 24 -12.83 -22.06 -14.45
CA ALA B 24 -14.06 -22.24 -13.71
C ALA B 24 -14.14 -21.26 -12.54
N ALA B 25 -13.04 -21.07 -11.80
CA ALA B 25 -13.05 -20.16 -10.65
C ALA B 25 -13.37 -18.74 -11.08
N ILE B 26 -12.78 -18.32 -12.20
CA ILE B 26 -13.03 -16.98 -12.72
C ILE B 26 -14.48 -16.82 -13.17
N ARG B 27 -15.02 -17.83 -13.84
CA ARG B 27 -16.41 -17.76 -14.26
C ARG B 27 -17.33 -17.71 -13.05
N GLU B 28 -17.01 -18.51 -12.05
CA GLU B 28 -17.82 -18.54 -10.82
C GLU B 28 -17.81 -17.21 -10.08
N ALA B 29 -16.76 -16.43 -10.29
CA ALA B 29 -16.67 -15.09 -9.71
C ALA B 29 -17.50 -14.03 -10.46
N GLY B 30 -18.22 -14.44 -11.49
CA GLY B 30 -19.18 -13.55 -12.13
C GLY B 30 -18.68 -12.84 -13.38
N LEU B 31 -17.66 -13.39 -14.02
CA LEU B 31 -17.07 -12.73 -15.20
C LEU B 31 -18.09 -12.36 -16.28
N MET B 32 -18.90 -13.31 -16.68
CA MET B 32 -19.78 -13.07 -17.82
C MET B 32 -20.81 -11.97 -17.55
N LYS B 33 -21.44 -12.00 -16.37
CA LYS B 33 -22.35 -10.92 -15.98
C LYS B 33 -21.68 -9.56 -15.94
N ARG B 34 -20.46 -9.51 -15.42
CA ARG B 34 -19.73 -8.24 -15.33
C ARG B 34 -19.47 -7.65 -16.73
N LEU B 35 -19.04 -8.51 -17.65
CA LEU B 35 -18.79 -8.05 -19.02
C LEU B 35 -20.09 -7.61 -19.73
N SER B 36 -21.14 -8.40 -19.59
CA SER B 36 -22.45 -8.04 -20.14
CA SER B 36 -22.44 -8.04 -20.16
C SER B 36 -22.91 -6.68 -19.65
N SER B 37 -22.77 -6.45 -18.35
CA SER B 37 -23.20 -5.19 -17.74
C SER B 37 -22.51 -3.97 -18.32
N LEU B 38 -21.28 -4.15 -18.78
CA LEU B 38 -20.53 -3.07 -19.41
C LEU B 38 -21.00 -2.82 -20.83
N GLY B 39 -21.80 -3.74 -21.36
CA GLY B 39 -22.29 -3.61 -22.72
C GLY B 39 -21.57 -4.47 -23.74
N CYS B 40 -20.76 -5.41 -23.27
CA CYS B 40 -20.09 -6.33 -24.19
C CYS B 40 -21.06 -7.42 -24.68
N HIS B 41 -21.09 -7.60 -26.00
CA HIS B 41 -21.76 -8.75 -26.59
C HIS B 41 -20.83 -9.96 -26.48
N LEU B 42 -21.30 -11.03 -25.86
CA LEU B 42 -20.43 -12.16 -25.52
C LEU B 42 -20.60 -13.42 -26.38
N LYS B 43 -19.48 -14.02 -26.75
CA LYS B 43 -19.50 -15.40 -27.23
C LYS B 43 -18.66 -16.27 -26.30
N ASP B 44 -19.30 -17.21 -25.63
CA ASP B 44 -18.58 -18.11 -24.74
C ASP B 44 -18.25 -19.40 -25.48
N PHE B 45 -16.96 -19.65 -25.69
CA PHE B 45 -16.51 -20.87 -26.34
C PHE B 45 -16.49 -22.03 -25.36
N GLY B 46 -16.77 -21.74 -24.08
CA GLY B 46 -16.69 -22.74 -23.05
C GLY B 46 -15.24 -23.01 -22.69
N ASP B 47 -15.01 -24.09 -21.95
CA ASP B 47 -13.65 -24.50 -21.61
C ASP B 47 -13.20 -25.61 -22.56
N LEU B 48 -12.08 -25.37 -23.25
CA LEU B 48 -11.63 -26.32 -24.27
C LEU B 48 -11.09 -27.60 -23.66
N SER B 49 -11.22 -28.69 -24.40
CA SER B 49 -10.59 -29.95 -24.04
C SER B 49 -9.47 -30.19 -25.04
N PHE B 50 -8.22 -30.11 -24.58
CA PHE B 50 -7.09 -30.26 -25.47
C PHE B 50 -6.72 -31.72 -25.69
N THR B 51 -6.25 -32.03 -26.89
CA THR B 51 -5.88 -33.39 -27.24
C THR B 51 -4.61 -33.79 -26.53
N PRO B 52 -4.65 -34.88 -25.74
CA PRO B 52 -3.43 -35.30 -25.07
C PRO B 52 -2.44 -35.96 -26.04
N VAL B 53 -1.20 -36.10 -25.61
CA VAL B 53 -0.19 -36.80 -26.40
C VAL B 53 0.39 -37.94 -25.57
N PRO B 54 0.30 -39.17 -26.08
CA PRO B 54 0.79 -40.32 -25.32
C PRO B 54 2.30 -40.27 -25.19
N LYS B 55 2.83 -40.71 -24.06
CA LYS B 55 4.28 -40.88 -23.88
C LYS B 55 5.01 -39.56 -24.18
N ASP B 56 4.48 -38.48 -23.62
CA ASP B 56 5.05 -37.18 -23.86
C ASP B 56 6.22 -37.01 -22.91
N ASP B 57 7.30 -37.72 -23.23
CA ASP B 57 8.50 -37.78 -22.40
C ASP B 57 9.25 -36.45 -22.35
N LEU B 58 10.02 -36.27 -21.28
CA LEU B 58 10.83 -35.08 -21.11
C LEU B 58 11.68 -34.86 -22.34
N TYR B 59 11.85 -33.60 -22.72
CA TYR B 59 12.83 -33.26 -23.74
C TYR B 59 14.13 -32.90 -23.05
N ASN B 60 15.21 -33.50 -23.52
CA ASN B 60 16.48 -33.25 -22.94
C ASN B 60 16.49 -33.50 -21.42
N ASN B 61 15.79 -34.52 -21.03
CA ASN B 61 15.69 -34.90 -19.61
C ASN B 61 15.20 -33.81 -18.67
N LEU B 62 14.73 -32.69 -19.22
CA LEU B 62 14.31 -31.57 -18.39
C LEU B 62 13.00 -30.90 -18.72
N ILE B 63 12.75 -30.62 -20.00
CA ILE B 63 11.58 -29.85 -20.39
C ILE B 63 10.33 -30.72 -20.28
N VAL B 64 9.38 -30.29 -19.46
CA VAL B 64 8.23 -31.09 -19.10
CA VAL B 64 8.25 -31.15 -19.15
C VAL B 64 7.08 -30.95 -20.11
N ASN B 65 6.48 -32.07 -20.51
CA ASN B 65 5.31 -32.11 -21.39
C ASN B 65 5.39 -31.27 -22.67
N PRO B 66 6.51 -31.35 -23.42
CA PRO B 66 6.62 -30.43 -24.57
C PRO B 66 5.57 -30.68 -25.66
N ARG B 67 5.28 -31.94 -25.99
CA ARG B 67 4.33 -32.22 -27.05
C ARG B 67 2.91 -31.83 -26.66
N SER B 68 2.58 -32.05 -25.38
CA SER B 68 1.25 -31.71 -24.87
C SER B 68 1.07 -30.21 -24.88
N VAL B 69 2.07 -29.48 -24.41
CA VAL B 69 2.00 -28.02 -24.42
C VAL B 69 2.00 -27.50 -25.86
N GLY B 70 2.78 -28.15 -26.72
CA GLY B 70 2.86 -27.75 -28.11
C GLY B 70 1.53 -27.94 -28.83
N LEU B 71 0.92 -29.11 -28.64
CA LEU B 71 -0.34 -29.40 -29.33
C LEU B 71 -1.52 -28.61 -28.76
N ALA B 72 -1.59 -28.47 -27.44
CA ALA B 72 -2.66 -27.70 -26.82
C ALA B 72 -2.61 -26.26 -27.34
N ASN B 73 -1.40 -25.72 -27.43
CA ASN B 73 -1.25 -24.35 -27.96
C ASN B 73 -1.59 -24.25 -29.43
N GLN B 74 -1.30 -25.28 -30.21
CA GLN B 74 -1.68 -25.29 -31.62
C GLN B 74 -3.19 -25.24 -31.74
N GLU B 75 -3.87 -26.04 -30.92
CA GLU B 75 -5.33 -26.08 -30.92
C GLU B 75 -5.93 -24.76 -30.42
N LEU B 76 -5.35 -24.19 -29.37
CA LEU B 76 -5.84 -22.92 -28.86
C LEU B 76 -5.65 -21.81 -29.89
N ALA B 77 -4.51 -21.84 -30.58
CA ALA B 77 -4.21 -20.81 -31.58
C ALA B 77 -5.28 -20.76 -32.65
N GLU B 78 -5.78 -21.94 -33.02
CA GLU B 78 -6.83 -22.05 -34.02
C GLU B 78 -8.13 -21.37 -33.55
N VAL B 79 -8.48 -21.58 -32.29
CA VAL B 79 -9.67 -20.97 -31.73
C VAL B 79 -9.55 -19.45 -31.61
N VAL B 80 -8.42 -18.99 -31.11
CA VAL B 80 -8.19 -17.55 -30.98
C VAL B 80 -8.19 -16.87 -32.36
N SER B 81 -7.50 -17.48 -33.32
CA SER B 81 -7.47 -16.97 -34.70
C SER B 81 -8.88 -16.82 -35.28
N ARG B 82 -9.71 -17.83 -35.09
CA ARG B 82 -11.10 -17.79 -35.54
C ARG B 82 -11.88 -16.66 -34.88
N ALA B 83 -11.74 -16.54 -33.56
CA ALA B 83 -12.47 -15.52 -32.83
C ALA B 83 -12.07 -14.11 -33.22
N VAL B 84 -10.77 -13.88 -33.39
CA VAL B 84 -10.29 -12.56 -33.81
C VAL B 84 -10.74 -12.28 -35.25
N SER B 85 -10.70 -13.30 -36.10
CA SER B 85 -11.10 -13.14 -37.49
C SER B 85 -12.59 -12.77 -37.57
N ASP B 86 -13.38 -13.29 -36.64
CA ASP B 86 -14.81 -12.96 -36.56
C ASP B 86 -15.08 -11.65 -35.83
N GLY B 87 -14.02 -10.93 -35.44
CA GLY B 87 -14.17 -9.59 -34.91
C GLY B 87 -14.36 -9.47 -33.39
N TYR B 88 -14.05 -10.53 -32.67
CA TYR B 88 -14.10 -10.50 -31.22
C TYR B 88 -12.76 -10.08 -30.62
N SER B 89 -12.83 -9.28 -29.55
CA SER B 89 -11.69 -9.14 -28.64
C SER B 89 -11.68 -10.45 -27.87
N CYS B 90 -10.52 -11.11 -27.82
CA CYS B 90 -10.45 -12.47 -27.30
CA CYS B 90 -10.42 -12.46 -27.30
C CYS B 90 -9.89 -12.53 -25.88
N VAL B 91 -10.74 -12.95 -24.95
CA VAL B 91 -10.32 -13.19 -23.57
C VAL B 91 -10.05 -14.69 -23.36
N THR B 92 -8.83 -15.04 -22.96
CA THR B 92 -8.54 -16.44 -22.68
C THR B 92 -8.26 -16.58 -21.19
N LEU B 93 -8.95 -17.51 -20.55
CA LEU B 93 -8.78 -17.76 -19.12
C LEU B 93 -7.90 -18.98 -18.93
N GLY B 94 -6.83 -18.82 -18.15
CA GLY B 94 -5.93 -19.91 -17.84
C GLY B 94 -6.27 -20.51 -16.48
N GLY B 95 -5.58 -21.59 -16.11
CA GLY B 95 -4.55 -22.19 -16.95
C GLY B 95 -3.18 -21.55 -16.76
N ASP B 96 -2.12 -22.31 -16.99
CA ASP B 96 -0.77 -21.76 -16.83
C ASP B 96 -0.36 -20.88 -18.01
N HIS B 97 0.68 -20.07 -17.81
CA HIS B 97 1.06 -19.07 -18.82
C HIS B 97 1.66 -19.63 -20.11
N SER B 98 1.95 -20.92 -20.19
CA SER B 98 2.42 -21.46 -21.47
C SER B 98 1.36 -21.25 -22.56
N LEU B 99 0.11 -21.04 -22.16
CA LEU B 99 -0.97 -20.85 -23.13
C LEU B 99 -0.80 -19.58 -23.96
N ALA B 100 0.02 -18.64 -23.49
CA ALA B 100 0.28 -17.43 -24.26
C ALA B 100 0.99 -17.72 -25.58
N ILE B 101 1.68 -18.85 -25.67
CA ILE B 101 2.24 -19.25 -26.95
C ILE B 101 1.11 -19.38 -27.97
N GLY B 102 0.03 -20.05 -27.57
CA GLY B 102 -1.10 -20.27 -28.46
C GLY B 102 -1.95 -19.03 -28.70
N THR B 103 -2.20 -18.25 -27.65
CA THR B 103 -3.05 -17.08 -27.87
C THR B 103 -2.35 -16.01 -28.70
N ILE B 104 -1.07 -15.78 -28.45
CA ILE B 104 -0.37 -14.75 -29.21
C ILE B 104 -0.16 -15.22 -30.66
N SER B 105 0.12 -16.51 -30.83
CA SER B 105 0.28 -17.06 -32.18
C SER B 105 -1.02 -16.94 -32.97
N GLY B 106 -2.13 -17.33 -32.37
CA GLY B 106 -3.43 -17.23 -33.01
C GLY B 106 -3.82 -15.78 -33.31
N HIS B 107 -3.53 -14.90 -32.36
CA HIS B 107 -3.84 -13.48 -32.49
C HIS B 107 -3.03 -12.89 -33.65
N ALA B 108 -1.75 -13.24 -33.71
CA ALA B 108 -0.85 -12.65 -34.71
C ALA B 108 -1.14 -13.10 -36.13
N ARG B 109 -1.91 -14.17 -36.29
CA ARG B 109 -2.26 -14.63 -37.63
C ARG B 109 -3.01 -13.59 -38.46
N HIS B 110 -3.92 -12.87 -37.81
CA HIS B 110 -4.71 -11.86 -38.51
C HIS B 110 -4.23 -10.46 -38.16
N CYS B 111 -3.45 -10.38 -37.08
CA CYS B 111 -3.02 -9.09 -36.55
C CYS B 111 -1.50 -9.09 -36.32
N PRO B 112 -0.74 -9.22 -37.41
CA PRO B 112 0.71 -9.46 -37.26
C PRO B 112 1.48 -8.29 -36.64
N ASP B 113 0.91 -7.08 -36.64
CA ASP B 113 1.60 -5.95 -36.02
C ASP B 113 1.11 -5.71 -34.58
N LEU B 114 0.55 -6.73 -33.94
CA LEU B 114 0.12 -6.58 -32.54
C LEU B 114 1.32 -6.26 -31.67
N CYS B 115 1.05 -5.67 -30.52
CA CYS B 115 2.09 -5.45 -29.51
C CYS B 115 1.62 -6.14 -28.26
N VAL B 116 2.55 -6.38 -27.33
CA VAL B 116 2.24 -7.19 -26.14
C VAL B 116 2.58 -6.42 -24.89
N VAL B 117 1.62 -6.31 -23.98
CA VAL B 117 1.88 -5.79 -22.64
C VAL B 117 1.79 -6.99 -21.71
N TRP B 118 2.92 -7.31 -21.08
CA TRP B 118 3.04 -8.56 -20.33
C TRP B 118 3.16 -8.18 -18.86
N VAL B 119 2.08 -8.39 -18.11
CA VAL B 119 1.99 -7.94 -16.71
C VAL B 119 2.20 -9.15 -15.82
N ASP B 120 3.28 -9.16 -15.04
CA ASP B 120 3.73 -10.42 -14.45
C ASP B 120 4.82 -10.12 -13.44
N ALA B 121 4.95 -10.97 -12.42
CA ALA B 121 6.13 -10.90 -11.55
C ALA B 121 7.38 -11.41 -12.26
N HIS B 122 7.18 -12.15 -13.36
CA HIS B 122 8.25 -12.85 -14.06
C HIS B 122 8.28 -12.47 -15.53
N ALA B 123 9.45 -12.65 -16.15
CA ALA B 123 9.61 -12.31 -17.57
C ALA B 123 9.23 -13.46 -18.50
N ASP B 124 9.19 -14.67 -17.98
CA ASP B 124 8.76 -15.85 -18.75
C ASP B 124 9.54 -15.98 -20.05
N ILE B 125 10.83 -15.68 -19.98
CA ILE B 125 11.63 -15.57 -21.21
C ILE B 125 12.84 -16.50 -21.18
N ASN B 126 12.87 -17.43 -20.23
CA ASN B 126 13.84 -18.51 -20.31
C ASN B 126 13.65 -19.26 -21.62
N THR B 127 14.71 -19.87 -22.12
CA THR B 127 14.65 -20.73 -23.29
C THR B 127 14.82 -22.16 -22.79
N PRO B 128 14.61 -23.15 -23.66
CA PRO B 128 14.85 -24.54 -23.25
C PRO B 128 16.30 -24.79 -22.81
N LEU B 129 17.19 -23.87 -23.16
CA LEU B 129 18.59 -24.00 -22.81
C LEU B 129 18.96 -23.20 -21.56
N THR B 130 18.05 -22.36 -21.09
CA THR B 130 18.33 -21.56 -19.88
C THR B 130 17.47 -21.89 -18.69
N THR B 131 16.31 -22.51 -18.93
CA THR B 131 15.41 -22.82 -17.83
C THR B 131 16.06 -23.75 -16.82
N SER B 132 15.87 -23.47 -15.53
CA SER B 132 16.38 -24.37 -14.51
C SER B 132 15.26 -25.23 -13.92
N SER B 133 14.03 -25.01 -14.37
CA SER B 133 12.88 -25.78 -13.88
C SER B 133 12.38 -26.78 -14.92
N GLY B 134 12.50 -26.43 -16.18
CA GLY B 134 11.95 -27.27 -17.25
C GLY B 134 10.51 -26.93 -17.55
N ASN B 135 9.93 -26.01 -16.78
CA ASN B 135 8.52 -25.66 -16.90
C ASN B 135 8.25 -24.65 -18.00
N LEU B 136 7.43 -25.06 -18.97
CA LEU B 136 7.23 -24.21 -20.15
C LEU B 136 6.51 -22.90 -19.87
N HIS B 137 5.78 -22.81 -18.75
CA HIS B 137 5.11 -21.54 -18.42
C HIS B 137 6.08 -20.42 -18.10
N GLY B 138 7.35 -20.77 -17.93
CA GLY B 138 8.38 -19.78 -17.64
C GLY B 138 9.25 -19.56 -18.86
N GLN B 139 8.82 -20.13 -19.98
CA GLN B 139 9.53 -19.97 -21.25
C GLN B 139 8.73 -19.39 -22.44
N PRO B 140 7.43 -19.03 -22.28
CA PRO B 140 6.71 -18.81 -23.55
C PRO B 140 7.22 -17.67 -24.43
N VAL B 141 7.73 -16.59 -23.86
CA VAL B 141 8.17 -15.46 -24.67
C VAL B 141 9.37 -15.84 -25.56
N SER B 142 10.18 -16.81 -25.11
CA SER B 142 11.35 -17.20 -25.91
C SER B 142 10.94 -17.74 -27.28
N PHE B 143 9.78 -18.37 -27.35
CA PHE B 143 9.33 -18.97 -28.60
C PHE B 143 8.68 -17.96 -29.53
N LEU B 144 8.39 -16.77 -29.01
CA LEU B 144 7.57 -15.80 -29.74
C LEU B 144 8.39 -14.68 -30.36
N LEU B 145 9.59 -14.44 -29.85
CA LEU B 145 10.40 -13.30 -30.28
C LEU B 145 11.34 -13.67 -31.42
N ARG B 146 11.25 -12.97 -32.54
CA ARG B 146 12.02 -13.39 -33.69
C ARG B 146 13.53 -13.29 -33.46
N GLU B 147 13.98 -12.27 -32.74
CA GLU B 147 15.41 -12.05 -32.50
C GLU B 147 16.07 -13.18 -31.72
N LEU B 148 15.28 -13.95 -30.97
CA LEU B 148 15.82 -15.02 -30.12
C LEU B 148 15.94 -16.38 -30.78
N GLN B 149 15.44 -16.53 -32.01
CA GLN B 149 15.22 -17.87 -32.57
CA GLN B 149 15.24 -17.87 -32.51
C GLN B 149 16.49 -18.71 -32.81
N ASP B 150 17.62 -18.06 -33.05
CA ASP B 150 18.89 -18.77 -33.21
CA ASP B 150 18.85 -18.82 -33.22
C ASP B 150 19.37 -19.34 -31.88
N LYS B 151 18.69 -18.98 -30.79
CA LYS B 151 19.06 -19.42 -29.45
C LYS B 151 18.03 -20.37 -28.86
N VAL B 152 16.96 -20.63 -29.61
CA VAL B 152 15.88 -21.48 -29.12
C VAL B 152 15.85 -22.79 -29.89
N PRO B 153 16.16 -23.90 -29.21
CA PRO B 153 16.12 -25.18 -29.93
C PRO B 153 14.69 -25.57 -30.28
N GLN B 154 14.58 -26.52 -31.20
CA GLN B 154 13.30 -27.01 -31.72
C GLN B 154 12.74 -28.13 -30.83
N LEU B 155 11.62 -27.86 -30.15
CA LEU B 155 11.02 -28.86 -29.26
C LEU B 155 10.04 -29.74 -30.03
N PRO B 156 9.90 -31.01 -29.62
CA PRO B 156 8.84 -31.82 -30.23
C PRO B 156 7.48 -31.21 -29.94
N GLY B 157 6.65 -31.09 -30.97
CA GLY B 157 5.33 -30.49 -30.82
C GLY B 157 5.30 -29.00 -31.09
N PHE B 158 6.47 -28.42 -31.35
CA PHE B 158 6.59 -26.97 -31.49
C PHE B 158 6.90 -26.54 -32.94
N SER B 159 6.91 -27.48 -33.87
CA SER B 159 7.33 -27.15 -35.25
C SER B 159 6.41 -26.12 -35.92
N TRP B 160 5.13 -26.11 -35.53
CA TRP B 160 4.14 -25.19 -36.11
C TRP B 160 4.38 -23.73 -35.72
N ILE B 161 5.14 -23.51 -34.66
CA ILE B 161 5.35 -22.15 -34.17
C ILE B 161 6.32 -21.34 -35.03
N LYS B 162 5.86 -20.18 -35.47
CA LYS B 162 6.72 -19.19 -36.11
C LYS B 162 6.82 -18.03 -35.15
N PRO B 163 8.04 -17.70 -34.72
CA PRO B 163 8.29 -16.51 -33.89
C PRO B 163 7.57 -15.30 -34.49
N CYS B 164 6.60 -14.78 -33.75
CA CYS B 164 5.61 -13.84 -34.29
C CYS B 164 6.03 -12.38 -34.29
N ILE B 165 6.71 -11.96 -33.22
CA ILE B 165 6.88 -10.54 -32.99
C ILE B 165 8.32 -10.16 -32.68
N SER B 166 8.61 -8.86 -32.75
N SER B 166 8.60 -8.86 -32.75
CA SER B 166 9.95 -8.36 -32.46
CA SER B 166 9.93 -8.33 -32.45
C SER B 166 10.11 -8.07 -30.97
C SER B 166 10.10 -8.07 -30.96
N SER B 167 11.35 -8.15 -30.49
CA SER B 167 11.67 -7.82 -29.12
C SER B 167 11.29 -6.37 -28.76
N ALA B 168 11.14 -5.51 -29.77
CA ALA B 168 10.75 -4.12 -29.53
C ALA B 168 9.23 -3.99 -29.34
N SER B 169 8.51 -5.12 -29.47
CA SER B 169 7.05 -5.10 -29.47
C SER B 169 6.43 -5.68 -28.21
N ILE B 170 7.25 -5.95 -27.21
CA ILE B 170 6.74 -6.40 -25.90
C ILE B 170 7.26 -5.48 -24.81
N VAL B 171 6.39 -5.11 -23.87
CA VAL B 171 6.83 -4.38 -22.68
C VAL B 171 6.34 -5.14 -21.47
N TYR B 172 7.24 -5.37 -20.50
CA TYR B 172 6.87 -6.00 -19.25
C TYR B 172 6.52 -4.97 -18.19
N ILE B 173 5.53 -5.29 -17.36
CA ILE B 173 5.23 -4.45 -16.19
C ILE B 173 5.09 -5.34 -14.95
N GLY B 174 5.85 -5.06 -13.92
CA GLY B 174 5.71 -5.75 -12.65
C GLY B 174 6.80 -6.67 -12.20
N LEU B 175 7.86 -6.71 -12.98
CA LEU B 175 8.89 -7.73 -12.79
C LEU B 175 9.65 -7.68 -11.47
N ARG B 176 9.66 -8.79 -10.75
CA ARG B 176 10.46 -8.87 -9.53
C ARG B 176 11.14 -10.21 -9.25
N ASP B 177 10.98 -11.17 -10.15
CA ASP B 177 11.58 -12.49 -9.96
C ASP B 177 12.12 -12.96 -11.29
N VAL B 178 13.34 -12.53 -11.61
CA VAL B 178 13.92 -12.73 -12.93
C VAL B 178 15.17 -13.59 -12.78
N ASP B 179 15.27 -14.66 -13.56
CA ASP B 179 16.46 -15.53 -13.49
C ASP B 179 17.61 -14.82 -14.20
N PRO B 180 18.86 -15.10 -13.77
CA PRO B 180 19.98 -14.42 -14.43
C PRO B 180 20.02 -14.59 -15.97
N PRO B 181 19.76 -15.79 -16.50
CA PRO B 181 19.74 -15.82 -17.98
C PRO B 181 18.67 -14.91 -18.58
N GLU B 182 17.54 -14.75 -17.89
CA GLU B 182 16.49 -13.88 -18.42
C GLU B 182 16.95 -12.43 -18.39
N HIS B 183 17.65 -12.06 -17.31
CA HIS B 183 18.16 -10.70 -17.21
C HIS B 183 19.13 -10.43 -18.35
N PHE B 184 19.98 -11.41 -18.65
CA PHE B 184 20.89 -11.29 -19.77
C PHE B 184 20.11 -11.05 -21.07
N ILE B 185 19.04 -11.82 -21.27
CA ILE B 185 18.24 -11.72 -22.49
C ILE B 185 17.57 -10.35 -22.62
N LEU B 186 16.96 -9.88 -21.54
CA LEU B 186 16.32 -8.56 -21.55
C LEU B 186 17.30 -7.46 -21.90
N LYS B 187 18.49 -7.51 -21.31
CA LYS B 187 19.51 -6.51 -21.58
C LYS B 187 20.11 -6.63 -22.97
N ASN B 188 20.47 -7.85 -23.35
CA ASN B 188 21.16 -8.10 -24.62
C ASN B 188 20.29 -7.77 -25.83
N TYR B 189 18.98 -8.00 -25.71
CA TYR B 189 18.08 -7.74 -26.82
C TYR B 189 17.31 -6.43 -26.65
N ASP B 190 17.71 -5.65 -25.65
CA ASP B 190 17.11 -4.34 -25.39
C ASP B 190 15.59 -4.42 -25.26
N ILE B 191 15.12 -5.41 -24.51
CA ILE B 191 13.69 -5.56 -24.28
C ILE B 191 13.28 -4.66 -23.13
N GLN B 192 12.22 -3.86 -23.34
CA GLN B 192 11.85 -2.85 -22.37
C GLN B 192 10.99 -3.43 -21.26
N TYR B 193 11.29 -3.06 -20.02
CA TYR B 193 10.50 -3.54 -18.89
C TYR B 193 10.41 -2.49 -17.80
N PHE B 194 9.34 -2.55 -17.02
CA PHE B 194 9.23 -1.73 -15.83
C PHE B 194 9.09 -2.67 -14.65
N SER B 195 10.17 -2.83 -13.89
CA SER B 195 10.14 -3.72 -12.74
C SER B 195 9.37 -3.05 -11.62
N MET B 196 9.15 -3.76 -10.52
CA MET B 196 8.50 -3.14 -9.37
C MET B 196 9.29 -1.92 -8.91
N ARG B 197 10.61 -2.01 -9.00
CA ARG B 197 11.49 -0.88 -8.66
C ARG B 197 11.18 0.34 -9.55
N ASP B 198 11.01 0.11 -10.84
CA ASP B 198 10.67 1.19 -11.76
C ASP B 198 9.33 1.80 -11.40
N ILE B 199 8.40 0.97 -10.97
CA ILE B 199 7.10 1.48 -10.55
C ILE B 199 7.24 2.33 -9.28
N ASP B 200 8.04 1.84 -8.33
CA ASP B 200 8.32 2.61 -7.11
C ASP B 200 8.86 4.00 -7.43
N ARG B 201 9.67 4.09 -8.48
CA ARG B 201 10.32 5.35 -8.85
C ARG B 201 9.39 6.26 -9.65
N LEU B 202 8.78 5.70 -10.67
CA LEU B 202 8.04 6.48 -11.67
C LEU B 202 6.58 6.71 -11.30
N GLY B 203 5.98 5.74 -10.62
CA GLY B 203 4.54 5.76 -10.41
C GLY B 203 3.88 5.06 -11.60
N ILE B 204 2.74 4.43 -11.33
CA ILE B 204 2.09 3.62 -12.38
C ILE B 204 1.59 4.48 -13.55
N GLN B 205 1.27 5.74 -13.31
CA GLN B 205 0.80 6.61 -14.40
C GLN B 205 1.87 6.78 -15.46
N LYS B 206 3.08 7.12 -15.03
CA LYS B 206 4.19 7.29 -15.97
C LYS B 206 4.61 5.96 -16.61
N VAL B 207 4.47 4.87 -15.86
CA VAL B 207 4.82 3.58 -16.42
C VAL B 207 3.92 3.27 -17.62
N MET B 208 2.62 3.54 -17.48
CA MET B 208 1.68 3.26 -18.57
C MET B 208 1.93 4.21 -19.74
N GLU B 209 2.20 5.48 -19.43
CA GLU B 209 2.49 6.45 -20.49
C GLU B 209 3.68 6.04 -21.32
N ARG B 210 4.75 5.59 -20.64
CA ARG B 210 5.97 5.22 -21.36
C ARG B 210 5.81 3.90 -22.08
N THR B 211 5.00 3.01 -21.50
CA THR B 211 4.71 1.75 -22.16
C THR B 211 4.03 2.00 -23.50
N PHE B 212 3.04 2.88 -23.49
CA PHE B 212 2.32 3.17 -24.72
C PHE B 212 3.17 3.96 -25.72
N ASP B 213 3.98 4.88 -25.23
CA ASP B 213 4.90 5.58 -26.14
CA ASP B 213 4.94 5.58 -26.10
C ASP B 213 5.84 4.60 -26.85
N LEU B 214 6.35 3.61 -26.11
CA LEU B 214 7.23 2.60 -26.71
C LEU B 214 6.54 1.73 -27.76
N LEU B 215 5.29 1.37 -27.51
CA LEU B 215 4.61 0.38 -28.36
C LEU B 215 3.74 1.02 -29.44
N ILE B 216 3.00 2.06 -29.08
CA ILE B 216 2.05 2.68 -30.00
C ILE B 216 2.27 4.18 -30.12
N GLY B 217 3.50 4.62 -29.87
CA GLY B 217 3.80 6.04 -29.87
C GLY B 217 3.72 6.60 -31.28
N LYS B 218 4.00 5.75 -32.26
CA LYS B 218 4.00 6.26 -33.64
C LYS B 218 2.98 5.62 -34.60
N ARG B 219 2.36 4.52 -34.17
CA ARG B 219 1.27 3.94 -34.94
C ARG B 219 0.31 3.16 -34.03
N GLN B 220 -0.96 3.08 -34.43
CA GLN B 220 -1.94 2.30 -33.68
C GLN B 220 -1.72 0.83 -33.96
N ARG B 221 -1.78 0.01 -32.92
CA ARG B 221 -1.54 -1.42 -33.06
C ARG B 221 -2.49 -2.15 -32.13
N PRO B 222 -3.00 -3.32 -32.55
CA PRO B 222 -3.84 -4.07 -31.62
C PRO B 222 -3.02 -4.50 -30.42
N ILE B 223 -3.59 -4.41 -29.23
CA ILE B 223 -2.85 -4.75 -28.02
C ILE B 223 -3.22 -6.15 -27.53
N HIS B 224 -2.21 -6.93 -27.16
CA HIS B 224 -2.41 -8.21 -26.52
C HIS B 224 -1.94 -8.05 -25.08
N LEU B 225 -2.88 -8.11 -24.14
CA LEU B 225 -2.55 -7.96 -22.72
C LEU B 225 -2.44 -9.35 -22.15
N SER B 226 -1.24 -9.74 -21.75
CA SER B 226 -1.07 -11.05 -21.15
C SER B 226 -0.81 -10.83 -19.68
N PHE B 227 -1.81 -11.12 -18.86
CA PHE B 227 -1.79 -10.73 -17.46
C PHE B 227 -1.73 -11.98 -16.58
N ASP B 228 -0.59 -12.16 -15.91
CA ASP B 228 -0.37 -13.24 -14.94
C ASP B 228 -0.83 -12.69 -13.61
N ILE B 229 -1.78 -13.36 -12.96
CA ILE B 229 -2.34 -12.86 -11.70
C ILE B 229 -1.26 -12.69 -10.64
N ASP B 230 -0.13 -13.40 -10.79
CA ASP B 230 0.98 -13.26 -9.84
C ASP B 230 1.72 -11.92 -9.93
N ALA B 231 1.31 -11.07 -10.87
CA ALA B 231 1.80 -9.70 -10.88
C ALA B 231 1.39 -8.99 -9.59
N PHE B 232 0.23 -9.36 -9.05
CA PHE B 232 -0.29 -8.72 -7.86
C PHE B 232 0.45 -9.26 -6.64
N ASP B 233 0.53 -8.43 -5.59
CA ASP B 233 1.09 -8.90 -4.33
C ASP B 233 0.34 -10.14 -3.86
N PRO B 234 1.07 -11.12 -3.30
CA PRO B 234 0.43 -12.35 -2.81
C PRO B 234 -0.64 -12.12 -1.75
N THR B 235 -0.61 -10.98 -1.05
CA THR B 235 -1.70 -10.70 -0.11
C THR B 235 -3.03 -10.53 -0.84
N LEU B 236 -2.96 -10.11 -2.10
CA LEU B 236 -4.16 -9.87 -2.92
C LEU B 236 -4.50 -11.07 -3.79
N ALA B 237 -3.47 -11.76 -4.28
CA ALA B 237 -3.67 -12.91 -5.16
C ALA B 237 -2.90 -14.11 -4.65
N PRO B 238 -3.34 -14.67 -3.51
CA PRO B 238 -2.59 -15.79 -2.95
C PRO B 238 -2.71 -17.08 -3.74
N ALA B 239 -3.82 -17.27 -4.46
CA ALA B 239 -4.08 -18.53 -5.13
C ALA B 239 -3.39 -18.59 -6.48
N THR B 240 -2.09 -18.85 -6.45
CA THR B 240 -1.27 -18.86 -7.66
C THR B 240 0.02 -19.63 -7.38
N GLY B 241 0.64 -20.17 -8.42
CA GLY B 241 1.70 -21.14 -8.28
C GLY B 241 3.06 -20.60 -7.87
N THR B 242 3.37 -19.38 -8.29
CA THR B 242 4.69 -18.80 -7.98
C THR B 242 4.56 -17.39 -7.42
N PRO B 243 4.00 -17.27 -6.20
CA PRO B 243 3.81 -15.95 -5.60
C PRO B 243 5.15 -15.34 -5.23
N VAL B 244 5.26 -14.03 -5.38
CA VAL B 244 6.49 -13.32 -5.03
C VAL B 244 6.09 -12.07 -4.26
N VAL B 245 6.63 -11.91 -3.07
CA VAL B 245 6.30 -10.74 -2.27
C VAL B 245 6.66 -9.44 -2.98
N GLY B 246 5.94 -8.38 -2.65
CA GLY B 246 6.24 -7.05 -3.15
C GLY B 246 5.63 -6.70 -4.50
N GLY B 247 4.37 -7.10 -4.72
CA GLY B 247 3.76 -6.92 -6.04
C GLY B 247 2.89 -5.69 -6.21
N LEU B 248 2.18 -5.63 -7.33
CA LEU B 248 1.27 -4.53 -7.61
C LEU B 248 0.22 -4.44 -6.53
N THR B 249 -0.18 -3.22 -6.19
CA THR B 249 -1.35 -3.05 -5.35
C THR B 249 -2.61 -3.25 -6.19
N TYR B 250 -3.75 -3.38 -5.53
CA TYR B 250 -5.04 -3.45 -6.22
C TYR B 250 -5.23 -2.23 -7.15
N ARG B 251 -5.01 -1.04 -6.61
CA ARG B 251 -5.18 0.19 -7.37
C ARG B 251 -4.27 0.26 -8.59
N GLU B 252 -3.02 -0.19 -8.43
CA GLU B 252 -2.10 -0.21 -9.57
C GLU B 252 -2.59 -1.14 -10.67
N GLY B 253 -3.07 -2.32 -10.29
CA GLY B 253 -3.60 -3.26 -11.27
C GLY B 253 -4.81 -2.71 -12.01
N MET B 254 -5.72 -2.08 -11.28
CA MET B 254 -6.87 -1.43 -11.91
C MET B 254 -6.41 -0.31 -12.83
N TYR B 255 -5.41 0.46 -12.42
CA TYR B 255 -4.93 1.55 -13.26
C TYR B 255 -4.35 1.03 -14.60
N ILE B 256 -3.56 -0.02 -14.54
CA ILE B 256 -3.04 -0.65 -15.75
C ILE B 256 -4.17 -1.04 -16.70
N ALA B 257 -5.16 -1.74 -16.15
CA ALA B 257 -6.29 -2.22 -16.95
C ALA B 257 -7.08 -1.05 -17.53
N GLU B 258 -7.30 -0.03 -16.72
CA GLU B 258 -7.99 1.18 -17.18
C GLU B 258 -7.29 1.82 -18.37
N GLU B 259 -5.97 1.93 -18.27
CA GLU B 259 -5.20 2.53 -19.36
C GLU B 259 -5.23 1.70 -20.62
N ILE B 260 -5.19 0.38 -20.46
CA ILE B 260 -5.35 -0.52 -21.59
C ILE B 260 -6.71 -0.27 -22.25
N HIS B 261 -7.78 -0.19 -21.47
CA HIS B 261 -9.09 0.11 -22.06
C HIS B 261 -9.08 1.46 -22.76
N ASN B 262 -8.43 2.44 -22.12
CA ASN B 262 -8.47 3.81 -22.63
C ASN B 262 -7.79 3.98 -23.99
N THR B 263 -6.90 3.06 -24.35
CA THR B 263 -6.28 3.12 -25.68
C THR B 263 -7.28 2.82 -26.79
N GLY B 264 -8.34 2.10 -26.46
CA GLY B 264 -9.29 1.62 -27.44
C GLY B 264 -8.76 0.53 -28.35
N LEU B 265 -7.59 -0.03 -28.01
CA LEU B 265 -6.90 -0.98 -28.89
C LEU B 265 -6.82 -2.40 -28.38
N LEU B 266 -7.43 -2.70 -27.23
CA LEU B 266 -7.35 -4.05 -26.70
C LEU B 266 -7.99 -5.06 -27.65
N SER B 267 -7.22 -6.07 -28.04
CA SER B 267 -7.65 -7.01 -29.06
C SER B 267 -7.69 -8.43 -28.50
N ALA B 268 -6.79 -8.72 -27.56
CA ALA B 268 -6.86 -10.00 -26.85
C ALA B 268 -6.29 -9.86 -25.46
N LEU B 269 -6.80 -10.65 -24.52
CA LEU B 269 -6.34 -10.59 -23.15
C LEU B 269 -6.19 -12.01 -22.62
N ASP B 270 -5.06 -12.32 -21.98
CA ASP B 270 -4.92 -13.56 -21.24
C ASP B 270 -5.00 -13.25 -19.75
N LEU B 271 -5.75 -14.04 -19.00
CA LEU B 271 -5.72 -13.96 -17.53
C LEU B 271 -5.31 -15.33 -17.03
N VAL B 272 -4.06 -15.45 -16.62
CA VAL B 272 -3.50 -16.77 -16.36
C VAL B 272 -3.03 -16.96 -14.92
N GLU B 273 -2.79 -18.22 -14.60
CA GLU B 273 -2.13 -18.67 -13.36
C GLU B 273 -2.96 -18.58 -12.07
N VAL B 274 -4.26 -18.34 -12.19
CA VAL B 274 -5.14 -18.50 -11.03
C VAL B 274 -5.28 -20.00 -10.72
N ASN B 275 -4.83 -20.41 -9.53
CA ASN B 275 -4.90 -21.82 -9.14
C ASN B 275 -5.63 -21.90 -7.80
N PRO B 276 -6.94 -22.18 -7.85
CA PRO B 276 -7.74 -22.13 -6.63
C PRO B 276 -7.35 -23.20 -5.62
N GLN B 277 -6.69 -24.26 -6.06
CA GLN B 277 -6.28 -25.32 -5.15
C GLN B 277 -5.11 -24.92 -4.24
N LEU B 278 -4.45 -23.81 -4.55
CA LEU B 278 -3.29 -23.38 -3.76
C LEU B 278 -3.67 -22.39 -2.68
N ALA B 279 -4.95 -22.02 -2.65
CA ALA B 279 -5.45 -21.17 -1.59
C ALA B 279 -5.54 -21.98 -0.30
N THR B 280 -5.29 -21.36 0.84
CA THR B 280 -5.35 -22.05 2.13
C THR B 280 -6.76 -22.02 2.70
N SER B 281 -7.63 -21.22 2.07
CA SER B 281 -9.02 -21.10 2.48
C SER B 281 -9.86 -20.80 1.25
N GLU B 282 -11.17 -21.00 1.37
CA GLU B 282 -12.08 -20.70 0.28
C GLU B 282 -12.06 -19.20 0.01
N GLU B 283 -11.95 -18.40 1.07
CA GLU B 283 -11.87 -16.95 0.91
C GLU B 283 -10.65 -16.54 0.06
N GLU B 284 -9.51 -17.17 0.29
CA GLU B 284 -8.31 -16.88 -0.51
C GLU B 284 -8.53 -17.21 -1.98
N ALA B 285 -9.22 -18.31 -2.25
CA ALA B 285 -9.49 -18.70 -3.63
C ALA B 285 -10.43 -17.70 -4.28
N LYS B 286 -11.51 -17.37 -3.58
CA LYS B 286 -12.49 -16.43 -4.12
C LYS B 286 -11.94 -15.02 -4.33
N THR B 287 -11.11 -14.52 -3.43
CA THR B 287 -10.61 -13.15 -3.60
CA THR B 287 -10.58 -13.16 -3.59
C THR B 287 -9.67 -13.10 -4.81
N THR B 288 -8.95 -14.19 -5.05
CA THR B 288 -8.03 -14.24 -6.20
C THR B 288 -8.86 -14.24 -7.48
N ALA B 289 -9.92 -15.05 -7.52
CA ALA B 289 -10.81 -15.06 -8.67
C ALA B 289 -11.55 -13.74 -8.86
N ASN B 290 -12.00 -13.14 -7.76
CA ASN B 290 -12.66 -11.83 -7.84
C ASN B 290 -11.73 -10.78 -8.45
N LEU B 291 -10.46 -10.86 -8.08
CA LEU B 291 -9.47 -9.91 -8.58
C LEU B 291 -9.28 -10.11 -10.07
N ALA B 292 -9.25 -11.37 -10.50
CA ALA B 292 -9.14 -11.68 -11.92
C ALA B 292 -10.29 -11.05 -12.71
N VAL B 293 -11.50 -11.19 -12.19
CA VAL B 293 -12.65 -10.56 -12.83
C VAL B 293 -12.52 -9.04 -12.86
N ASP B 294 -12.09 -8.42 -11.76
CA ASP B 294 -11.90 -6.97 -11.77
C ASP B 294 -10.90 -6.51 -12.85
N VAL B 295 -9.82 -7.28 -13.04
CA VAL B 295 -8.84 -6.93 -14.07
C VAL B 295 -9.47 -6.97 -15.46
N ILE B 296 -10.19 -8.05 -15.73
CA ILE B 296 -10.79 -8.22 -17.06
C ILE B 296 -11.85 -7.16 -17.30
N ALA B 297 -12.72 -6.93 -16.30
CA ALA B 297 -13.77 -5.92 -16.45
C ALA B 297 -13.19 -4.53 -16.64
N SER B 298 -12.14 -4.19 -15.90
CA SER B 298 -11.52 -2.88 -16.06
CA SER B 298 -11.52 -2.88 -16.06
C SER B 298 -10.86 -2.75 -17.43
N SER B 299 -10.31 -3.85 -17.93
CA SER B 299 -9.68 -3.84 -19.26
C SER B 299 -10.70 -3.59 -20.37
N PHE B 300 -11.97 -3.83 -20.07
CA PHE B 300 -13.05 -3.59 -21.01
C PHE B 300 -13.99 -2.46 -20.63
N GLY B 301 -13.55 -1.62 -19.70
CA GLY B 301 -14.25 -0.36 -19.50
C GLY B 301 -14.81 -0.06 -18.13
N GLN B 302 -14.75 -1.00 -17.20
CA GLN B 302 -15.19 -0.68 -15.85
C GLN B 302 -14.29 0.41 -15.29
N THR B 303 -14.89 1.46 -14.77
CA THR B 303 -14.16 2.61 -14.25
C THR B 303 -14.44 2.72 -12.76
N ARG B 304 -13.66 3.56 -12.09
CA ARG B 304 -13.88 3.80 -10.69
C ARG B 304 -14.60 5.11 -10.46
N GLU B 305 -14.98 5.79 -11.53
CA GLU B 305 -15.73 7.03 -11.35
C GLU B 305 -17.15 6.93 -11.89
N GLY B 306 -17.52 5.72 -12.33
CA GLY B 306 -18.89 5.49 -12.76
C GLY B 306 -19.18 5.99 -14.18
N HIS C 1 -8.09 26.82 21.38
CA HIS C 1 -9.11 26.34 20.44
C HIS C 1 -10.17 25.52 21.16
N SER C 2 -11.43 25.84 20.90
CA SER C 2 -12.55 25.13 21.50
C SER C 2 -13.23 24.22 20.47
N VAL C 3 -13.52 22.99 20.88
CA VAL C 3 -14.10 21.99 19.99
C VAL C 3 -15.33 21.42 20.64
N ALA C 4 -16.46 21.46 19.92
CA ALA C 4 -17.68 20.84 20.38
C ALA C 4 -17.74 19.43 19.81
N VAL C 5 -18.15 18.46 20.62
CA VAL C 5 -18.33 17.09 20.15
C VAL C 5 -19.79 16.71 20.27
N ILE C 6 -20.40 16.33 19.15
CA ILE C 6 -21.81 16.00 19.12
C ILE C 6 -21.97 14.58 18.61
N GLY C 7 -22.56 13.72 19.44
CA GLY C 7 -22.91 12.39 18.98
C GLY C 7 -24.25 12.46 18.27
N ALA C 8 -24.31 11.95 17.04
CA ALA C 8 -25.56 11.92 16.28
C ALA C 8 -25.83 10.49 15.84
N PRO C 9 -26.42 9.69 16.73
CA PRO C 9 -26.62 8.27 16.43
C PRO C 9 -27.72 8.03 15.39
N PHE C 10 -27.55 8.60 14.20
CA PHE C 10 -28.44 8.47 13.02
CA PHE C 10 -28.58 8.35 13.22
C PHE C 10 -28.36 7.08 12.42
N SER C 11 -29.48 6.40 12.15
CA SER C 11 -29.41 5.18 11.35
C SER C 11 -30.45 5.14 10.24
N GLN C 12 -31.42 6.04 10.29
CA GLN C 12 -32.56 5.92 9.37
C GLN C 12 -32.30 6.45 7.95
N GLY C 13 -31.09 6.96 7.70
CA GLY C 13 -30.66 7.29 6.36
C GLY C 13 -30.27 6.06 5.55
N GLN C 14 -30.33 4.90 6.19
CA GLN C 14 -30.02 3.65 5.49
C GLN C 14 -30.73 2.49 6.18
N LYS C 15 -30.39 1.25 5.81
CA LYS C 15 -31.19 0.10 6.22
C LYS C 15 -30.47 -0.86 7.19
N ARG C 16 -29.16 -0.73 7.31
CA ARG C 16 -28.40 -1.65 8.16
C ARG C 16 -28.39 -1.22 9.62
N LYS C 17 -28.67 -2.17 10.51
CA LYS C 17 -28.65 -1.86 11.94
C LYS C 17 -27.22 -1.70 12.44
N GLY C 18 -27.04 -0.77 13.37
CA GLY C 18 -25.80 -0.68 14.13
C GLY C 18 -25.04 0.62 14.02
N VAL C 19 -25.26 1.37 12.95
CA VAL C 19 -24.49 2.58 12.71
C VAL C 19 -24.81 3.63 13.78
N GLU C 20 -25.93 3.46 14.47
CA GLU C 20 -26.25 4.37 15.58
C GLU C 20 -25.27 4.21 16.73
N HIS C 21 -24.51 3.12 16.75
CA HIS C 21 -23.54 2.89 17.82
C HIS C 21 -22.14 3.40 17.45
N GLY C 22 -22.02 3.99 16.26
CA GLY C 22 -20.78 4.64 15.86
C GLY C 22 -20.23 5.68 16.83
N PRO C 23 -21.05 6.60 17.30
CA PRO C 23 -20.54 7.61 18.21
C PRO C 23 -19.92 6.97 19.46
N ALA C 24 -20.60 6.01 20.03
CA ALA C 24 -20.13 5.33 21.23
C ALA C 24 -18.81 4.63 20.97
N ALA C 25 -18.72 3.97 19.82
CA ALA C 25 -17.50 3.23 19.47
C ALA C 25 -16.31 4.18 19.34
N ILE C 26 -16.56 5.33 18.74
CA ILE C 26 -15.50 6.32 18.57
C ILE C 26 -15.07 6.92 19.91
N ARG C 27 -15.92 7.26 20.85
CA ARG C 27 -15.68 7.64 22.22
C ARG C 27 -14.82 6.58 22.95
N GLU C 28 -15.28 5.33 22.82
CA GLU C 28 -14.58 4.24 23.52
C GLU C 28 -13.15 4.09 23.00
N ALA C 29 -12.92 4.51 21.76
CA ALA C 29 -11.58 4.44 21.17
C ALA C 29 -10.66 5.57 21.63
N GLY C 30 -11.16 6.41 22.54
CA GLY C 30 -10.33 7.41 23.19
C GLY C 30 -10.34 8.80 22.57
N LEU C 31 -11.40 9.15 21.84
CA LEU C 31 -11.46 10.43 21.17
C LEU C 31 -11.23 11.64 22.07
N MET C 32 -11.92 11.67 23.21
CA MET C 32 -11.86 12.88 24.03
C MET C 32 -10.47 13.12 24.62
N LYS C 33 -9.83 12.05 25.11
CA LYS C 33 -8.48 12.16 25.63
CA LYS C 33 -8.48 12.17 25.63
C LYS C 33 -7.51 12.62 24.54
N ARG C 34 -7.70 12.11 23.33
CA ARG C 34 -6.84 12.47 22.20
C ARG C 34 -6.94 13.95 21.86
N LEU C 35 -8.17 14.47 21.79
CA LEU C 35 -8.36 15.88 21.51
C LEU C 35 -7.83 16.76 22.65
N SER C 36 -8.06 16.35 23.90
CA SER C 36 -7.51 17.10 25.05
CA SER C 36 -7.51 17.09 25.05
C SER C 36 -5.99 17.20 24.97
N SER C 37 -5.35 16.08 24.65
CA SER C 37 -3.89 16.01 24.60
C SER C 37 -3.33 16.99 23.59
N LEU C 38 -4.11 17.31 22.57
CA LEU C 38 -3.68 18.27 21.55
C LEU C 38 -3.87 19.72 22.01
N GLY C 39 -4.51 19.91 23.14
CA GLY C 39 -4.74 21.26 23.64
C GLY C 39 -6.13 21.78 23.36
N CYS C 40 -7.01 20.92 22.85
CA CYS C 40 -8.39 21.33 22.59
C CYS C 40 -9.20 21.46 23.86
N HIS C 41 -9.87 22.60 24.01
CA HIS C 41 -10.85 22.78 25.08
C HIS C 41 -12.16 22.18 24.58
N LEU C 42 -12.75 21.26 25.35
CA LEU C 42 -13.84 20.44 24.85
C LEU C 42 -15.20 20.74 25.47
N LYS C 43 -16.23 20.82 24.63
CA LYS C 43 -17.61 20.80 25.10
C LYS C 43 -18.30 19.59 24.52
N ASP C 44 -18.59 18.62 25.37
CA ASP C 44 -19.25 17.39 24.96
C ASP C 44 -20.77 17.53 25.03
N PHE C 45 -21.44 17.35 23.90
CA PHE C 45 -22.89 17.46 23.86
C PHE C 45 -23.56 16.12 24.14
N GLY C 46 -22.75 15.09 24.30
CA GLY C 46 -23.26 13.74 24.45
C GLY C 46 -23.85 13.25 23.15
N ASP C 47 -24.57 12.14 23.21
CA ASP C 47 -25.32 11.62 22.07
C ASP C 47 -26.71 12.21 22.09
N LEU C 48 -27.08 12.91 21.03
CA LEU C 48 -28.40 13.51 20.93
C LEU C 48 -29.48 12.44 20.81
N SER C 49 -30.66 12.73 21.36
CA SER C 49 -31.83 11.89 21.16
C SER C 49 -32.77 12.60 20.20
N PHE C 50 -32.96 12.03 19.01
CA PHE C 50 -33.77 12.68 17.99
C PHE C 50 -35.24 12.31 18.10
N THR C 51 -36.10 13.28 17.84
CA THR C 51 -37.54 13.06 17.96
C THR C 51 -38.03 12.08 16.91
N PRO C 52 -38.64 10.97 17.34
CA PRO C 52 -39.15 10.03 16.34
C PRO C 52 -40.39 10.57 15.63
N VAL C 53 -40.64 10.07 14.43
CA VAL C 53 -41.85 10.40 13.69
C VAL C 53 -42.65 9.12 13.48
N PRO C 54 -43.84 9.05 14.08
CA PRO C 54 -44.67 7.85 13.94
C PRO C 54 -45.15 7.64 12.50
N LYS C 55 -45.21 6.37 12.07
CA LYS C 55 -45.75 6.01 10.76
C LYS C 55 -45.05 6.77 9.64
N ASP C 56 -43.72 6.75 9.69
CA ASP C 56 -42.92 7.48 8.72
C ASP C 56 -42.79 6.60 7.48
N ASP C 57 -43.89 6.53 6.72
CA ASP C 57 -44.02 5.64 5.58
C ASP C 57 -43.09 6.04 4.45
N LEU C 58 -42.77 5.08 3.59
CA LEU C 58 -41.94 5.34 2.43
C LEU C 58 -42.52 6.49 1.63
N TYR C 59 -41.67 7.32 1.08
CA TYR C 59 -42.09 8.31 0.11
C TYR C 59 -41.94 7.80 -1.30
N ASN C 60 -42.98 7.90 -2.11
CA ASN C 60 -42.94 7.45 -3.48
C ASN C 60 -42.57 5.97 -3.60
N ASN C 61 -43.08 5.29 -2.68
CA ASN C 61 -42.78 3.89 -2.43
C ASN C 61 -41.30 3.53 -2.53
N LEU C 62 -40.42 4.40 -2.27
CA LEU C 62 -38.99 4.09 -2.29
C LEU C 62 -38.19 4.75 -1.18
N ILE C 63 -38.29 6.06 -1.07
CA ILE C 63 -37.58 6.81 -0.05
C ILE C 63 -37.82 6.23 1.33
N VAL C 64 -36.75 5.96 2.06
CA VAL C 64 -36.86 5.40 3.40
C VAL C 64 -36.83 6.46 4.49
N ASN C 65 -37.78 6.39 5.42
CA ASN C 65 -37.82 7.25 6.60
C ASN C 65 -37.60 8.77 6.37
N PRO C 66 -38.30 9.36 5.39
CA PRO C 66 -37.98 10.76 5.07
C PRO C 66 -38.29 11.75 6.19
N ARG C 67 -39.41 11.58 6.90
CA ARG C 67 -39.74 12.53 7.96
C ARG C 67 -38.79 12.41 9.14
N SER C 68 -38.33 11.19 9.42
CA SER C 68 -37.40 10.97 10.52
C SER C 68 -36.05 11.59 10.20
N VAL C 69 -35.58 11.38 8.97
CA VAL C 69 -34.31 11.94 8.53
C VAL C 69 -34.39 13.46 8.48
N GLY C 70 -35.50 13.96 7.96
CA GLY C 70 -35.72 15.40 7.87
C GLY C 70 -35.76 16.08 9.22
N LEU C 71 -36.47 15.49 10.18
CA LEU C 71 -36.61 16.09 11.50
C LEU C 71 -35.34 15.98 12.31
N ALA C 72 -34.70 14.80 12.28
CA ALA C 72 -33.46 14.63 13.03
C ALA C 72 -32.42 15.64 12.55
N ASN C 73 -32.38 15.87 11.24
CA ASN C 73 -31.45 16.85 10.69
C ASN C 73 -31.79 18.28 11.07
N GLN C 74 -33.08 18.60 11.16
CA GLN C 74 -33.49 19.94 11.58
C GLN C 74 -33.03 20.18 13.01
N GLU C 75 -33.19 19.15 13.84
CA GLU C 75 -32.76 19.23 15.23
C GLU C 75 -31.24 19.31 15.34
N LEU C 76 -30.54 18.52 14.54
CA LEU C 76 -29.08 18.53 14.56
C LEU C 76 -28.56 19.90 14.10
N ALA C 77 -29.20 20.46 13.06
CA ALA C 77 -28.76 21.73 12.51
C ALA C 77 -28.82 22.83 13.56
N GLU C 78 -29.79 22.75 14.47
CA GLU C 78 -29.93 23.75 15.50
C GLU C 78 -28.80 23.64 16.51
N VAL C 79 -28.41 22.41 16.83
CA VAL C 79 -27.34 22.20 17.80
C VAL C 79 -25.99 22.65 17.21
N VAL C 80 -25.73 22.28 15.96
CA VAL C 80 -24.51 22.69 15.26
C VAL C 80 -24.44 24.21 15.11
N SER C 81 -25.55 24.81 14.68
CA SER C 81 -25.62 26.26 14.53
C SER C 81 -25.29 26.98 15.83
N ARG C 82 -25.85 26.50 16.93
CA ARG C 82 -25.62 27.11 18.23
C ARG C 82 -24.16 26.95 18.67
N ALA C 83 -23.59 25.77 18.45
CA ALA C 83 -22.19 25.53 18.81
C ALA C 83 -21.23 26.38 17.99
N VAL C 84 -21.49 26.50 16.69
CA VAL C 84 -20.64 27.32 15.83
C VAL C 84 -20.75 28.79 16.23
N SER C 85 -21.96 29.23 16.53
CA SER C 85 -22.17 30.63 16.93
C SER C 85 -21.50 30.93 18.28
N ASP C 86 -21.33 29.92 19.11
CA ASP C 86 -20.62 30.06 20.39
C ASP C 86 -19.10 29.96 20.21
N GLY C 87 -18.65 29.77 18.98
CA GLY C 87 -17.23 29.78 18.67
C GLY C 87 -16.53 28.43 18.70
N TYR C 88 -17.30 27.34 18.64
CA TYR C 88 -16.70 26.01 18.62
C TYR C 88 -16.46 25.52 17.20
N SER C 89 -15.34 24.83 17.00
CA SER C 89 -15.21 23.96 15.85
C SER C 89 -16.06 22.75 16.19
N CYS C 90 -16.89 22.32 15.25
CA CYS C 90 -17.92 21.34 15.54
CA CYS C 90 -17.92 21.33 15.53
C CYS C 90 -17.62 19.95 14.97
N VAL C 91 -17.39 18.98 15.87
CA VAL C 91 -17.18 17.59 15.46
C VAL C 91 -18.46 16.81 15.69
N THR C 92 -19.01 16.25 14.62
CA THR C 92 -20.22 15.43 14.73
C THR C 92 -19.88 14.00 14.39
N LEU C 93 -20.20 13.11 15.32
CA LEU C 93 -19.93 11.68 15.16
C LEU C 93 -21.20 10.99 14.68
N GLY C 94 -21.11 10.27 13.56
CA GLY C 94 -22.26 9.50 13.08
C GLY C 94 -22.21 8.05 13.50
N GLY C 95 -23.24 7.27 13.20
CA GLY C 95 -24.41 7.75 12.46
C GLY C 95 -24.19 7.72 10.96
N ASP C 96 -25.27 7.60 10.19
CA ASP C 96 -25.11 7.53 8.74
C ASP C 96 -24.94 8.93 8.12
N HIS C 97 -24.51 8.97 6.87
CA HIS C 97 -24.10 10.23 6.25
C HIS C 97 -25.25 11.19 5.95
N SER C 98 -26.50 10.75 6.11
CA SER C 98 -27.62 11.68 5.88
C SER C 98 -27.55 12.83 6.88
N LEU C 99 -26.81 12.64 7.97
CA LEU C 99 -26.65 13.69 8.97
C LEU C 99 -25.90 14.93 8.47
N ALA C 100 -25.19 14.80 7.35
CA ALA C 100 -24.48 15.96 6.79
C ALA C 100 -25.47 17.03 6.31
N ILE C 101 -26.70 16.63 6.00
CA ILE C 101 -27.73 17.62 5.68
C ILE C 101 -27.87 18.60 6.84
N GLY C 102 -27.97 18.05 8.06
CA GLY C 102 -28.08 18.86 9.24
C GLY C 102 -26.82 19.61 9.64
N THR C 103 -25.66 18.96 9.56
CA THR C 103 -24.45 19.65 10.03
C THR C 103 -24.05 20.78 9.09
N ILE C 104 -24.19 20.55 7.80
CA ILE C 104 -23.83 21.58 6.82
C ILE C 104 -24.85 22.72 6.85
N SER C 105 -26.14 22.40 6.98
CA SER C 105 -27.16 23.43 7.15
C SER C 105 -26.93 24.28 8.40
N GLY C 106 -26.70 23.64 9.54
CA GLY C 106 -26.42 24.36 10.77
C GLY C 106 -25.17 25.20 10.69
N HIS C 107 -24.15 24.66 10.02
CA HIS C 107 -22.86 25.32 9.88
C HIS C 107 -22.99 26.56 8.99
N ALA C 108 -23.69 26.40 7.87
CA ALA C 108 -23.85 27.47 6.89
C ALA C 108 -24.69 28.63 7.40
N ARG C 109 -25.49 28.37 8.44
CA ARG C 109 -26.35 29.39 9.02
C ARG C 109 -25.53 30.58 9.53
N HIS C 110 -24.37 30.30 10.11
CA HIS C 110 -23.50 31.37 10.59
C HIS C 110 -22.24 31.54 9.73
N CYS C 111 -21.94 30.54 8.91
CA CYS C 111 -20.80 30.63 8.01
C CYS C 111 -21.19 30.37 6.56
N PRO C 112 -21.93 31.31 5.95
CA PRO C 112 -22.50 31.10 4.62
C PRO C 112 -21.47 30.95 3.51
N ASP C 113 -20.25 31.39 3.74
CA ASP C 113 -19.20 31.24 2.74
C ASP C 113 -18.36 29.98 2.98
N LEU C 114 -18.90 29.00 3.72
CA LEU C 114 -18.14 27.77 3.94
C LEU C 114 -17.90 27.00 2.65
N CYS C 115 -16.85 26.18 2.63
CA CYS C 115 -16.65 25.22 1.57
C CYS C 115 -16.62 23.82 2.18
N VAL C 116 -16.77 22.81 1.33
CA VAL C 116 -16.92 21.44 1.80
C VAL C 116 -15.91 20.54 1.14
N VAL C 117 -15.16 19.81 1.96
CA VAL C 117 -14.32 18.74 1.47
C VAL C 117 -14.99 17.43 1.89
N TRP C 118 -15.40 16.64 0.89
CA TRP C 118 -16.20 15.45 1.10
C TRP C 118 -15.34 14.23 0.81
N VAL C 119 -14.90 13.53 1.85
CA VAL C 119 -13.98 12.42 1.68
C VAL C 119 -14.76 11.12 1.83
N ASP C 120 -14.80 10.32 0.77
CA ASP C 120 -15.81 9.27 0.66
C ASP C 120 -15.52 8.40 -0.53
N ALA C 121 -15.88 7.12 -0.45
CA ALA C 121 -15.88 6.26 -1.63
C ALA C 121 -17.01 6.64 -2.59
N HIS C 122 -17.99 7.37 -2.08
CA HIS C 122 -19.24 7.68 -2.78
C HIS C 122 -19.46 9.17 -2.87
N ALA C 123 -20.21 9.62 -3.87
CA ALA C 123 -20.51 11.04 -4.03
C ALA C 123 -21.75 11.49 -3.26
N ASP C 124 -22.58 10.53 -2.84
CA ASP C 124 -23.77 10.84 -2.02
C ASP C 124 -24.62 11.95 -2.63
N ILE C 125 -24.77 11.90 -3.95
CA ILE C 125 -25.40 13.00 -4.67
C ILE C 125 -26.58 12.53 -5.53
N ASN C 126 -27.04 11.30 -5.29
CA ASN C 126 -28.33 10.91 -5.87
C ASN C 126 -29.41 11.85 -5.39
N THR C 127 -30.48 12.00 -6.17
CA THR C 127 -31.64 12.76 -5.72
C THR C 127 -32.76 11.76 -5.43
N PRO C 128 -33.87 12.21 -4.84
CA PRO C 128 -34.99 11.27 -4.69
C PRO C 128 -35.50 10.70 -6.01
N LEU C 129 -35.17 11.34 -7.13
CA LEU C 129 -35.56 10.81 -8.44
C LEU C 129 -34.51 9.90 -9.09
N THR C 130 -33.29 9.88 -8.55
CA THR C 130 -32.26 9.03 -9.16
C THR C 130 -31.81 7.85 -8.30
N THR C 131 -32.05 7.92 -6.99
CA THR C 131 -31.62 6.82 -6.12
C THR C 131 -32.24 5.50 -6.54
N SER C 132 -31.45 4.42 -6.52
CA SER C 132 -32.00 3.10 -6.79
C SER C 132 -32.16 2.31 -5.49
N SER C 133 -31.72 2.90 -4.37
CA SER C 133 -31.86 2.25 -3.08
C SER C 133 -32.95 2.86 -2.22
N GLY C 134 -33.17 4.17 -2.37
CA GLY C 134 -34.12 4.86 -1.52
C GLY C 134 -33.48 5.34 -0.23
N ASN C 135 -32.19 5.03 -0.03
CA ASN C 135 -31.51 5.38 1.23
C ASN C 135 -30.98 6.80 1.22
N LEU C 136 -31.44 7.62 2.16
CA LEU C 136 -31.09 9.05 2.15
C LEU C 136 -29.60 9.33 2.42
N HIS C 137 -28.87 8.38 3.01
CA HIS C 137 -27.43 8.62 3.21
C HIS C 137 -26.64 8.68 1.91
N GLY C 138 -27.27 8.27 0.81
CA GLY C 138 -26.62 8.34 -0.49
C GLY C 138 -27.15 9.50 -1.32
N GLN C 139 -27.92 10.36 -0.67
CA GLN C 139 -28.48 11.56 -1.30
C GLN C 139 -28.18 12.92 -0.67
N PRO C 140 -27.39 13.00 0.43
CA PRO C 140 -27.43 14.28 1.15
C PRO C 140 -26.97 15.51 0.36
N VAL C 141 -25.96 15.34 -0.50
CA VAL C 141 -25.43 16.49 -1.24
C VAL C 141 -26.48 17.13 -2.16
N SER C 142 -27.39 16.30 -2.69
CA SER C 142 -28.41 16.81 -3.62
C SER C 142 -29.31 17.88 -2.99
N PHE C 143 -29.49 17.79 -1.67
CA PHE C 143 -30.36 18.73 -0.96
C PHE C 143 -29.63 20.02 -0.60
N LEU C 144 -28.30 20.00 -0.72
CA LEU C 144 -27.47 21.09 -0.23
C LEU C 144 -26.99 22.04 -1.32
N LEU C 145 -26.95 21.55 -2.56
CA LEU C 145 -26.36 22.31 -3.67
C LEU C 145 -27.41 23.16 -4.40
N ARG C 146 -27.16 24.47 -4.44
CA ARG C 146 -28.08 25.43 -5.05
CA ARG C 146 -28.07 25.42 -5.06
C ARG C 146 -28.45 25.04 -6.47
N GLU C 147 -27.45 24.68 -7.28
CA GLU C 147 -27.68 24.44 -8.70
C GLU C 147 -28.63 23.27 -9.00
N LEU C 148 -28.78 22.37 -8.05
CA LEU C 148 -29.56 21.14 -8.28
C LEU C 148 -31.02 21.26 -7.88
N GLN C 149 -31.40 22.38 -7.27
CA GLN C 149 -32.70 22.46 -6.58
CA GLN C 149 -32.70 22.43 -6.61
C GLN C 149 -33.94 22.29 -7.47
N ASP C 150 -33.87 22.70 -8.74
CA ASP C 150 -35.04 22.46 -9.59
C ASP C 150 -35.13 21.00 -10.06
N LYS C 151 -34.18 20.18 -9.63
CA LYS C 151 -34.21 18.74 -9.95
C LYS C 151 -34.49 17.88 -8.71
N VAL C 152 -34.66 18.50 -7.55
CA VAL C 152 -34.89 17.76 -6.31
C VAL C 152 -36.30 18.01 -5.78
N PRO C 153 -37.13 16.95 -5.73
CA PRO C 153 -38.50 17.06 -5.22
C PRO C 153 -38.51 17.40 -3.74
N GLN C 154 -39.63 17.95 -3.29
CA GLN C 154 -39.83 18.28 -1.89
C GLN C 154 -40.27 17.06 -1.10
N LEU C 155 -39.43 16.62 -0.15
CA LEU C 155 -39.74 15.46 0.68
C LEU C 155 -40.50 15.86 1.94
N PRO C 156 -41.38 14.99 2.44
CA PRO C 156 -41.99 15.24 3.74
C PRO C 156 -40.92 15.34 4.82
N GLY C 157 -40.99 16.38 5.63
CA GLY C 157 -39.98 16.63 6.66
C GLY C 157 -38.78 17.43 6.20
N PHE C 158 -38.73 17.77 4.92
CA PHE C 158 -37.57 18.46 4.34
C PHE C 158 -37.85 19.92 3.96
N SER C 159 -39.00 20.46 4.35
CA SER C 159 -39.36 21.82 3.89
C SER C 159 -38.50 22.93 4.52
N TRP C 160 -37.95 22.67 5.71
CA TRP C 160 -37.05 23.62 6.37
C TRP C 160 -35.73 23.77 5.64
N ILE C 161 -35.43 22.86 4.73
CA ILE C 161 -34.12 22.84 4.09
C ILE C 161 -33.99 23.82 2.93
N LYS C 162 -33.02 24.70 3.04
CA LYS C 162 -32.61 25.55 1.92
C LYS C 162 -31.26 25.03 1.46
N PRO C 163 -31.07 24.89 0.13
CA PRO C 163 -29.73 24.62 -0.39
C PRO C 163 -28.79 25.76 0.03
N CYS C 164 -27.65 25.43 0.61
CA CYS C 164 -26.78 26.44 1.22
C CYS C 164 -25.54 26.74 0.38
N ILE C 165 -25.20 25.83 -0.51
CA ILE C 165 -23.87 25.78 -1.09
C ILE C 165 -23.89 25.71 -2.62
N SER C 166 -22.95 26.38 -3.27
CA SER C 166 -22.79 26.25 -4.72
CA SER C 166 -22.82 26.25 -4.72
C SER C 166 -22.00 25.02 -5.06
N SER C 167 -22.26 24.45 -6.24
CA SER C 167 -21.56 23.27 -6.71
C SER C 167 -20.05 23.51 -6.82
N ALA C 168 -19.66 24.78 -6.89
CA ALA C 168 -18.25 25.15 -6.98
C ALA C 168 -17.58 25.11 -5.63
N SER C 169 -18.38 24.93 -4.57
CA SER C 169 -17.86 25.01 -3.20
C SER C 169 -17.69 23.66 -2.50
N ILE C 170 -17.80 22.57 -3.25
CA ILE C 170 -17.54 21.24 -2.70
C ILE C 170 -16.51 20.52 -3.55
N VAL C 171 -15.56 19.85 -2.91
CA VAL C 171 -14.63 18.98 -3.63
C VAL C 171 -14.67 17.61 -2.99
N TYR C 172 -14.79 16.58 -3.83
CA TYR C 172 -14.74 15.20 -3.35
C TYR C 172 -13.34 14.63 -3.42
N ILE C 173 -12.99 13.80 -2.44
CA ILE C 173 -11.76 13.03 -2.51
C ILE C 173 -12.04 11.59 -2.14
N GLY C 174 -11.74 10.68 -3.03
CA GLY C 174 -11.82 9.29 -2.71
C GLY C 174 -12.73 8.41 -3.52
N LEU C 175 -13.41 9.04 -4.45
CA LEU C 175 -14.50 8.35 -5.15
C LEU C 175 -14.22 7.12 -6.01
N ARG C 176 -14.87 6.01 -5.66
CA ARG C 176 -14.75 4.78 -6.47
C ARG C 176 -16.01 3.95 -6.71
N ASP C 177 -17.14 4.42 -6.19
CA ASP C 177 -18.42 3.71 -6.35
C ASP C 177 -19.49 4.75 -6.60
N VAL C 178 -19.63 5.11 -7.87
CA VAL C 178 -20.49 6.22 -8.28
C VAL C 178 -21.57 5.66 -9.20
N ASP C 179 -22.84 5.95 -8.89
CA ASP C 179 -23.95 5.49 -9.72
C ASP C 179 -24.00 6.36 -10.98
N PRO C 180 -24.47 5.79 -12.10
CA PRO C 180 -24.50 6.57 -13.35
C PRO C 180 -25.20 7.93 -13.25
N PRO C 181 -26.37 8.03 -12.57
CA PRO C 181 -26.94 9.37 -12.47
C PRO C 181 -26.08 10.34 -11.67
N GLU C 182 -25.31 9.84 -10.71
CA GLU C 182 -24.40 10.71 -9.97
C GLU C 182 -23.26 11.22 -10.87
N HIS C 183 -22.71 10.33 -11.70
CA HIS C 183 -21.66 10.73 -12.63
C HIS C 183 -22.18 11.82 -13.57
N PHE C 184 -23.42 11.65 -14.02
CA PHE C 184 -24.05 12.64 -14.89
C PHE C 184 -24.11 13.97 -14.18
N ILE C 185 -24.54 13.93 -12.92
CA ILE C 185 -24.62 15.14 -12.12
C ILE C 185 -23.25 15.81 -11.93
N LEU C 186 -22.23 15.03 -11.57
CA LEU C 186 -20.91 15.58 -11.35
C LEU C 186 -20.41 16.30 -12.60
N LYS C 187 -20.56 15.63 -13.74
CA LYS C 187 -20.11 16.18 -15.02
C LYS C 187 -20.94 17.37 -15.48
N ASN C 188 -22.26 17.22 -15.46
CA ASN C 188 -23.18 18.26 -15.93
C ASN C 188 -23.06 19.56 -15.14
N TYR C 189 -22.79 19.45 -13.84
CA TYR C 189 -22.71 20.62 -12.98
C TYR C 189 -21.27 21.04 -12.69
N ASP C 190 -20.32 20.40 -13.38
CA ASP C 190 -18.90 20.70 -13.24
C ASP C 190 -18.46 20.66 -11.78
N ILE C 191 -18.89 19.64 -11.06
CA ILE C 191 -18.47 19.48 -9.68
C ILE C 191 -17.12 18.79 -9.63
N GLN C 192 -16.19 19.34 -8.86
CA GLN C 192 -14.82 18.85 -8.87
C GLN C 192 -14.60 17.68 -7.91
N TYR C 193 -13.92 16.66 -8.39
CA TYR C 193 -13.66 15.48 -7.57
C TYR C 193 -12.31 14.89 -7.91
N PHE C 194 -11.72 14.22 -6.92
CA PHE C 194 -10.51 13.45 -7.15
C PHE C 194 -10.84 12.04 -6.76
N SER C 195 -11.07 11.20 -7.76
CA SER C 195 -11.39 9.79 -7.53
C SER C 195 -10.14 9.05 -7.12
N MET C 196 -10.28 7.77 -6.78
CA MET C 196 -9.11 6.97 -6.45
C MET C 196 -8.13 6.92 -7.61
N ARG C 197 -8.65 6.91 -8.83
CA ARG C 197 -7.82 6.98 -10.02
C ARG C 197 -7.01 8.29 -10.06
N ASP C 198 -7.65 9.41 -9.73
CA ASP C 198 -6.93 10.69 -9.69
C ASP C 198 -5.82 10.67 -8.64
N ILE C 199 -6.09 10.03 -7.52
CA ILE C 199 -5.06 9.91 -6.48
C ILE C 199 -3.92 9.02 -6.96
N ASP C 200 -4.24 7.94 -7.66
CA ASP C 200 -3.22 7.05 -8.21
C ASP C 200 -2.29 7.81 -9.14
N ARG C 201 -2.86 8.75 -9.90
CA ARG C 201 -2.11 9.57 -10.86
C ARG C 201 -1.33 10.70 -10.21
N LEU C 202 -2.02 11.51 -9.41
CA LEU C 202 -1.43 12.74 -8.88
C LEU C 202 -0.63 12.55 -7.61
N GLY C 203 -1.04 11.58 -6.80
CA GLY C 203 -0.54 11.47 -5.43
C GLY C 203 -1.32 12.39 -4.51
N ILE C 204 -1.47 12.00 -3.25
CA ILE C 204 -2.33 12.73 -2.32
C ILE C 204 -1.85 14.17 -2.07
N GLN C 205 -0.54 14.42 -2.13
CA GLN C 205 -0.06 15.78 -1.90
C GLN C 205 -0.65 16.76 -2.91
N LYS C 206 -0.54 16.40 -4.18
CA LYS C 206 -1.07 17.23 -5.26
C LYS C 206 -2.59 17.32 -5.23
N VAL C 207 -3.26 16.23 -4.87
CA VAL C 207 -4.71 16.26 -4.70
C VAL C 207 -5.10 17.32 -3.67
N MET C 208 -4.42 17.35 -2.53
CA MET C 208 -4.79 18.33 -1.51
C MET C 208 -4.45 19.76 -1.98
N GLU C 209 -3.33 19.92 -2.65
CA GLU C 209 -2.96 21.24 -3.19
C GLU C 209 -4.03 21.79 -4.12
N ARG C 210 -4.49 20.95 -5.03
CA ARG C 210 -5.50 21.37 -6.01
C ARG C 210 -6.85 21.58 -5.36
N THR C 211 -7.15 20.77 -4.35
CA THR C 211 -8.39 20.92 -3.60
C THR C 211 -8.47 22.30 -3.00
N PHE C 212 -7.39 22.70 -2.33
CA PHE C 212 -7.39 24.01 -1.69
C PHE C 212 -7.34 25.16 -2.69
N ASP C 213 -6.66 24.93 -3.81
CA ASP C 213 -6.65 26.00 -4.82
CA ASP C 213 -6.67 25.94 -4.86
C ASP C 213 -8.08 26.23 -5.31
N LEU C 214 -8.82 25.15 -5.53
CA LEU C 214 -10.21 25.25 -5.99
C LEU C 214 -11.11 25.95 -4.98
N LEU C 215 -10.92 25.65 -3.70
CA LEU C 215 -11.84 26.15 -2.67
C LEU C 215 -11.41 27.45 -2.05
N ILE C 216 -10.14 27.55 -1.68
CA ILE C 216 -9.65 28.72 -0.94
C ILE C 216 -8.48 29.40 -1.66
N GLY C 217 -8.38 29.20 -2.96
CA GLY C 217 -7.33 29.80 -3.77
C GLY C 217 -7.39 31.32 -3.86
N LYS C 218 -8.59 31.88 -3.76
CA LYS C 218 -8.77 33.33 -3.86
C LYS C 218 -9.06 33.99 -2.51
N ARG C 219 -9.63 33.23 -1.59
CA ARG C 219 -9.97 33.80 -0.28
C ARG C 219 -10.07 32.72 0.78
N GLN C 220 -9.83 33.12 2.02
CA GLN C 220 -10.00 32.23 3.17
C GLN C 220 -11.48 31.97 3.41
N ARG C 221 -11.83 30.71 3.62
CA ARG C 221 -13.21 30.33 3.93
C ARG C 221 -13.21 29.28 5.02
N PRO C 222 -14.26 29.26 5.85
CA PRO C 222 -14.36 28.17 6.82
C PRO C 222 -14.51 26.84 6.09
N ILE C 223 -13.84 25.80 6.58
CA ILE C 223 -13.89 24.50 5.91
C ILE C 223 -14.76 23.52 6.68
N HIS C 224 -15.63 22.81 5.96
CA HIS C 224 -16.43 21.73 6.51
C HIS C 224 -15.90 20.43 5.95
N LEU C 225 -15.29 19.61 6.81
CA LEU C 225 -14.76 18.32 6.38
C LEU C 225 -15.77 17.22 6.70
N SER C 226 -16.40 16.66 5.67
CA SER C 226 -17.37 15.59 5.86
C SER C 226 -16.70 14.27 5.47
N PHE C 227 -16.33 13.49 6.47
CA PHE C 227 -15.46 12.32 6.23
C PHE C 227 -16.25 11.03 6.49
N ASP C 228 -16.46 10.27 5.43
CA ASP C 228 -17.12 8.97 5.52
C ASP C 228 -15.99 7.94 5.69
N ILE C 229 -16.04 7.16 6.77
CA ILE C 229 -14.98 6.21 7.06
C ILE C 229 -14.77 5.22 5.89
N ASP C 230 -15.78 5.02 5.08
CA ASP C 230 -15.64 4.09 3.95
C ASP C 230 -14.75 4.61 2.82
N ALA C 231 -14.25 5.83 2.98
CA ALA C 231 -13.23 6.33 2.05
C ALA C 231 -11.98 5.46 2.15
N PHE C 232 -11.71 4.96 3.36
CA PHE C 232 -10.55 4.09 3.60
C PHE C 232 -10.77 2.71 2.97
N ASP C 233 -9.68 2.04 2.60
CA ASP C 233 -9.81 0.67 2.10
C ASP C 233 -10.51 -0.18 3.16
N PRO C 234 -11.33 -1.15 2.72
CA PRO C 234 -12.03 -1.99 3.72
C PRO C 234 -11.10 -2.80 4.61
N THR C 235 -9.86 -3.03 4.21
CA THR C 235 -8.92 -3.73 5.08
C THR C 235 -8.62 -2.90 6.33
N LEU C 236 -8.74 -1.59 6.19
CA LEU C 236 -8.49 -0.66 7.30
C LEU C 236 -9.74 -0.27 8.05
N ALA C 237 -10.87 -0.19 7.32
CA ALA C 237 -12.13 0.22 7.94
C ALA C 237 -13.24 -0.74 7.56
N PRO C 238 -13.16 -1.98 8.09
CA PRO C 238 -14.15 -2.99 7.70
C PRO C 238 -15.53 -2.73 8.29
N ALA C 239 -15.60 -2.08 9.45
CA ALA C 239 -16.89 -1.91 10.12
C ALA C 239 -17.65 -0.72 9.55
N THR C 240 -18.25 -0.93 8.39
CA THR C 240 -18.99 0.12 7.69
C THR C 240 -19.93 -0.52 6.71
N GLY C 241 -21.00 0.20 6.35
CA GLY C 241 -22.13 -0.39 5.64
C GLY C 241 -21.94 -0.65 4.17
N THR C 242 -21.18 0.21 3.50
CA THR C 242 -20.96 0.07 2.07
CA THR C 242 -20.97 0.06 2.06
C THR C 242 -19.48 0.05 1.73
N PRO C 243 -18.77 -1.01 2.14
CA PRO C 243 -17.32 -1.04 1.84
C PRO C 243 -17.07 -1.26 0.36
N VAL C 244 -16.02 -0.62 -0.14
CA VAL C 244 -15.65 -0.77 -1.55
C VAL C 244 -14.15 -0.95 -1.62
N VAL C 245 -13.69 -2.02 -2.30
CA VAL C 245 -12.26 -2.29 -2.38
C VAL C 245 -11.51 -1.15 -3.10
N GLY C 246 -10.23 -1.01 -2.77
CA GLY C 246 -9.37 -0.05 -3.46
C GLY C 246 -9.42 1.36 -2.91
N GLY C 247 -9.46 1.49 -1.59
CA GLY C 247 -9.63 2.79 -0.96
C GLY C 247 -8.33 3.46 -0.54
N LEU C 248 -8.47 4.56 0.21
CA LEU C 248 -7.32 5.30 0.75
C LEU C 248 -6.52 4.39 1.65
N THR C 249 -5.20 4.59 1.64
CA THR C 249 -4.36 3.93 2.63
C THR C 249 -4.45 4.73 3.93
N TYR C 250 -3.94 4.14 5.01
CA TYR C 250 -3.87 4.84 6.27
C TYR C 250 -3.12 6.16 6.14
N ARG C 251 -1.96 6.09 5.49
CA ARG C 251 -1.14 7.27 5.30
C ARG C 251 -1.84 8.36 4.47
N GLU C 252 -2.57 7.98 3.42
CA GLU C 252 -3.26 8.98 2.63
C GLU C 252 -4.32 9.69 3.47
N GLY C 253 -5.04 8.92 4.26
CA GLY C 253 -6.07 9.48 5.10
C GLY C 253 -5.51 10.45 6.13
N MET C 254 -4.39 10.07 6.75
CA MET C 254 -3.73 10.97 7.67
C MET C 254 -3.25 12.22 6.95
N TYR C 255 -2.76 12.06 5.72
CA TYR C 255 -2.25 13.21 4.98
C TYR C 255 -3.37 14.22 4.68
N ILE C 256 -4.54 13.71 4.29
CA ILE C 256 -5.69 14.58 4.06
C ILE C 256 -6.01 15.39 5.30
N ALA C 257 -6.10 14.70 6.44
CA ALA C 257 -6.45 15.34 7.68
C ALA C 257 -5.40 16.36 8.12
N GLU C 258 -4.13 16.01 7.95
CA GLU C 258 -3.05 16.95 8.28
C GLU C 258 -3.18 18.21 7.45
N GLU C 259 -3.50 18.06 6.17
CA GLU C 259 -3.59 19.23 5.30
C GLU C 259 -4.78 20.09 5.66
N ILE C 260 -5.86 19.44 6.07
CA ILE C 260 -7.02 20.18 6.58
C ILE C 260 -6.61 21.01 7.79
N HIS C 261 -5.95 20.37 8.75
CA HIS C 261 -5.48 21.10 9.93
C HIS C 261 -4.54 22.25 9.54
N ASN C 262 -3.65 21.99 8.59
CA ASN C 262 -2.64 22.98 8.20
C ASN C 262 -3.20 24.25 7.56
N THR C 263 -4.45 24.20 7.10
CA THR C 263 -5.08 25.40 6.55
C THR C 263 -5.42 26.38 7.65
N GLY C 264 -5.59 25.87 8.86
CA GLY C 264 -6.05 26.66 9.99
C GLY C 264 -7.51 27.09 9.85
N LEU C 265 -8.22 26.49 8.90
CA LEU C 265 -9.57 26.95 8.58
C LEU C 265 -10.68 25.94 8.89
N LEU C 266 -10.34 24.80 9.48
CA LEU C 266 -11.35 23.79 9.82
C LEU C 266 -12.37 24.36 10.81
N SER C 267 -13.64 24.31 10.43
CA SER C 267 -14.70 24.90 11.26
C SER C 267 -15.72 23.86 11.74
N ALA C 268 -15.91 22.80 10.96
CA ALA C 268 -16.73 21.66 11.39
C ALA C 268 -16.27 20.40 10.67
N LEU C 269 -16.47 19.26 11.31
CA LEU C 269 -16.04 17.97 10.77
C LEU C 269 -17.12 16.93 11.08
N ASP C 270 -17.48 16.12 10.09
CA ASP C 270 -18.33 14.95 10.33
C ASP C 270 -17.46 13.71 10.21
N LEU C 271 -17.65 12.74 11.10
CA LEU C 271 -17.01 11.44 10.94
C LEU C 271 -18.13 10.42 10.96
N VAL C 272 -18.50 9.90 9.79
CA VAL C 272 -19.73 9.13 9.68
C VAL C 272 -19.51 7.70 9.23
N GLU C 273 -20.54 6.90 9.40
CA GLU C 273 -20.66 5.54 8.84
C GLU C 273 -19.84 4.45 9.52
N VAL C 274 -19.29 4.72 10.70
CA VAL C 274 -18.72 3.64 11.50
C VAL C 274 -19.85 2.80 12.07
N ASN C 275 -19.92 1.54 11.69
CA ASN C 275 -20.96 0.63 12.19
C ASN C 275 -20.29 -0.59 12.82
N PRO C 276 -20.11 -0.56 14.14
CA PRO C 276 -19.37 -1.61 14.85
C PRO C 276 -20.06 -2.97 14.79
N GLN C 277 -21.36 -3.00 14.51
CA GLN C 277 -22.08 -4.27 14.40
C GLN C 277 -21.73 -5.04 13.13
N LEU C 278 -21.13 -4.35 12.17
CA LEU C 278 -20.78 -4.99 10.90
C LEU C 278 -19.39 -5.61 10.92
N ALA C 279 -18.66 -5.41 12.01
CA ALA C 279 -17.39 -6.08 12.18
C ALA C 279 -17.62 -7.59 12.33
N THR C 280 -16.71 -8.41 11.82
CA THR C 280 -16.81 -9.86 12.01
C THR C 280 -16.08 -10.28 13.28
N SER C 281 -15.37 -9.34 13.88
CA SER C 281 -14.65 -9.58 15.13
C SER C 281 -14.59 -8.27 15.89
N GLU C 282 -14.35 -8.33 17.20
CA GLU C 282 -14.31 -7.10 17.97
C GLU C 282 -13.05 -6.32 17.60
N GLU C 283 -12.03 -7.03 17.12
CA GLU C 283 -10.81 -6.39 16.65
C GLU C 283 -11.11 -5.53 15.42
N GLU C 284 -11.92 -6.03 14.49
CA GLU C 284 -12.34 -5.24 13.33
C GLU C 284 -13.12 -3.99 13.71
N ALA C 285 -13.99 -4.12 14.71
CA ALA C 285 -14.75 -2.97 15.18
C ALA C 285 -13.83 -1.94 15.80
N LYS C 286 -12.93 -2.40 16.66
CA LYS C 286 -12.01 -1.48 17.33
C LYS C 286 -11.04 -0.79 16.38
N THR C 287 -10.52 -1.49 15.38
CA THR C 287 -9.58 -0.87 14.48
CA THR C 287 -9.58 -0.86 14.46
C THR C 287 -10.28 0.23 13.67
N THR C 288 -11.54 0.01 13.31
CA THR C 288 -12.30 1.01 12.55
C THR C 288 -12.52 2.27 13.40
N ALA C 289 -12.91 2.06 14.65
CA ALA C 289 -13.07 3.16 15.60
C ALA C 289 -11.75 3.87 15.88
N ASN C 290 -10.66 3.11 16.02
CA ASN C 290 -9.35 3.71 16.25
C ASN C 290 -8.93 4.60 15.09
N LEU C 291 -9.25 4.14 13.88
CA LEU C 291 -8.94 4.89 12.67
C LEU C 291 -9.74 6.19 12.62
N ALA C 292 -11.00 6.13 13.01
CA ALA C 292 -11.84 7.32 13.08
C ALA C 292 -11.25 8.36 14.02
N VAL C 293 -10.76 7.89 15.17
CA VAL C 293 -10.14 8.79 16.12
C VAL C 293 -8.87 9.40 15.54
N ASP C 294 -8.06 8.57 14.88
CA ASP C 294 -6.87 9.09 14.19
C ASP C 294 -7.20 10.21 13.19
N VAL C 295 -8.24 10.03 12.39
CA VAL C 295 -8.67 11.07 11.45
C VAL C 295 -9.02 12.37 12.15
N ILE C 296 -9.84 12.27 13.20
CA ILE C 296 -10.31 13.46 13.86
C ILE C 296 -9.14 14.16 14.55
N ALA C 297 -8.27 13.38 15.20
CA ALA C 297 -7.12 13.94 15.90
C ALA C 297 -6.17 14.64 14.93
N SER C 298 -5.92 14.03 13.78
CA SER C 298 -5.04 14.62 12.78
CA SER C 298 -5.04 14.62 12.78
C SER C 298 -5.65 15.90 12.20
N SER C 299 -6.97 15.93 12.07
CA SER C 299 -7.65 17.12 11.58
C SER C 299 -7.52 18.30 12.54
N PHE C 300 -7.21 18.02 13.80
CA PHE C 300 -7.03 19.08 14.79
C PHE C 300 -5.60 19.20 15.30
N GLY C 301 -4.65 18.61 14.57
CA GLY C 301 -3.25 18.91 14.80
C GLY C 301 -2.31 17.77 15.13
N GLN C 302 -2.82 16.55 15.30
CA GLN C 302 -1.90 15.45 15.56
C GLN C 302 -1.03 15.25 14.35
N THR C 303 0.27 15.11 14.57
CA THR C 303 1.22 15.02 13.47
C THR C 303 1.97 13.72 13.60
N ARG C 304 2.61 13.31 12.53
CA ARG C 304 3.39 12.10 12.61
C ARG C 304 4.84 12.39 13.00
N GLU C 305 5.25 13.65 12.98
CA GLU C 305 6.61 13.96 13.41
C GLU C 305 6.69 14.51 14.83
N GLY C 306 5.54 14.58 15.51
CA GLY C 306 5.52 15.05 16.89
C GLY C 306 5.72 16.55 17.02
#